data_1S89
#
_entry.id   1S89
#
_cell.length_a   53.479
_cell.length_b   129.497
_cell.length_c   178.220
_cell.angle_alpha   90.00
_cell.angle_beta   90.00
_cell.angle_gamma   90.00
#
_symmetry.space_group_name_H-M   'P 21 21 21'
#
loop_
_entity.id
_entity.type
_entity.pdbx_description
1 polymer 'Methylglyoxal synthase'
2 non-polymer '2-PHOSPHOGLYCOLIC ACID'
3 water water
#
_entity_poly.entity_id   1
_entity_poly.type   'polypeptide(L)'
_entity_poly.pdbx_seq_one_letter_code
;MELTTRTLPARKHIALVAHDHCKQMLMSWVERHQPLLEQHVLYATGTTGNLISRATGMNVNAMLSGPMGGDQQVGALISE
GKIDVLIFFWDPLNAVPNDPDVKALLRLATVWNIPVATNVATADFIIQSPHFNDAVDILIPDYQRYLADRLK
;
_entity_poly.pdbx_strand_id   A,B,C,D,E,F
#
loop_
_chem_comp.id
_chem_comp.type
_chem_comp.name
_chem_comp.formula
PGA non-polymer '2-PHOSPHOGLYCOLIC ACID' 'C2 H5 O6 P'
#
# COMPACT_ATOMS: atom_id res chain seq x y z
N MET A 1 11.34 15.48 18.82
CA MET A 1 10.01 16.09 19.18
C MET A 1 9.98 16.53 20.65
N GLU A 2 9.29 15.75 21.47
CA GLU A 2 9.15 16.03 22.89
C GLU A 2 8.81 14.72 23.59
N LEU A 3 9.75 14.20 24.38
CA LEU A 3 9.57 12.93 25.04
C LEU A 3 9.49 12.97 26.56
N THR A 4 8.78 12.00 27.13
CA THR A 4 8.64 11.86 28.57
C THR A 4 8.86 10.38 28.90
N THR A 5 8.34 9.93 30.03
CA THR A 5 8.52 8.54 30.42
C THR A 5 7.31 7.86 31.03
N ARG A 6 7.19 6.56 30.80
CA ARG A 6 6.11 5.75 31.33
C ARG A 6 6.75 4.52 31.97
N THR A 7 6.14 3.99 33.02
CA THR A 7 6.69 2.83 33.69
C THR A 7 5.87 1.59 33.40
N LEU A 8 6.47 0.63 32.70
CA LEU A 8 5.76 -0.62 32.43
C LEU A 8 5.75 -1.36 33.75
N PRO A 9 4.57 -1.84 34.17
CA PRO A 9 4.42 -2.57 35.43
C PRO A 9 5.10 -3.93 35.39
N ALA A 10 5.43 -4.45 36.57
CA ALA A 10 6.07 -5.75 36.67
C ALA A 10 5.15 -6.82 36.09
N ARG A 11 3.85 -6.67 36.34
CA ARG A 11 2.88 -7.61 35.82
C ARG A 11 2.44 -6.99 34.49
N LYS A 12 3.03 -7.46 33.38
CA LYS A 12 2.73 -6.93 32.06
C LYS A 12 1.36 -7.28 31.48
N HIS A 13 0.80 -6.34 30.72
CA HIS A 13 -0.47 -6.55 30.03
C HIS A 13 -0.02 -6.91 28.61
N ILE A 14 -0.12 -8.19 28.29
CA ILE A 14 0.32 -8.73 27.01
C ILE A 14 -0.80 -8.99 26.01
N ALA A 15 -0.63 -8.53 24.80
CA ALA A 15 -1.62 -8.76 23.76
C ALA A 15 -1.04 -9.82 22.83
N LEU A 16 -1.83 -10.85 22.56
CA LEU A 16 -1.41 -11.95 21.70
C LEU A 16 -2.31 -11.97 20.48
N VAL A 17 -1.70 -11.85 19.30
CA VAL A 17 -2.45 -11.82 18.06
C VAL A 17 -1.75 -12.64 17.00
N ALA A 18 -2.50 -13.47 16.30
CA ALA A 18 -1.91 -14.30 15.26
C ALA A 18 -2.80 -14.49 14.05
N HIS A 19 -2.19 -14.48 12.87
CA HIS A 19 -2.91 -14.69 11.65
C HIS A 19 -3.07 -16.21 11.56
N ASP A 20 -4.14 -16.67 10.92
CA ASP A 20 -4.42 -18.10 10.82
C ASP A 20 -3.24 -19.02 10.57
N HIS A 21 -2.44 -18.74 9.55
CA HIS A 21 -1.31 -19.60 9.24
C HIS A 21 -0.20 -19.54 10.29
N CYS A 22 -0.34 -18.67 11.28
CA CYS A 22 0.67 -18.57 12.31
C CYS A 22 0.12 -18.93 13.69
N LYS A 23 -1.16 -19.28 13.73
CA LYS A 23 -1.79 -19.62 15.01
C LYS A 23 -1.18 -20.84 15.72
N GLN A 24 -0.73 -21.82 14.97
CA GLN A 24 -0.14 -23.01 15.59
C GLN A 24 1.18 -22.62 16.25
N MET A 25 1.95 -21.78 15.56
CA MET A 25 3.23 -21.33 16.10
C MET A 25 2.99 -20.61 17.42
N LEU A 26 2.04 -19.68 17.41
CA LEU A 26 1.72 -18.91 18.61
C LEU A 26 1.26 -19.85 19.72
N MET A 27 0.33 -20.73 19.39
CA MET A 27 -0.20 -21.70 20.35
C MET A 27 0.89 -22.51 21.01
N SER A 28 1.79 -23.09 20.21
CA SER A 28 2.88 -23.87 20.78
C SER A 28 3.70 -23.00 21.71
N TRP A 29 4.07 -21.82 21.23
CA TRP A 29 4.87 -20.89 22.01
C TRP A 29 4.24 -20.59 23.36
N VAL A 30 2.92 -20.40 23.34
CA VAL A 30 2.19 -20.11 24.57
C VAL A 30 2.24 -21.30 25.53
N GLU A 31 2.01 -22.49 24.99
CA GLU A 31 2.02 -23.70 25.82
C GLU A 31 3.39 -23.90 26.48
N ARG A 32 4.46 -23.66 25.74
CA ARG A 32 5.81 -23.83 26.27
C ARG A 32 6.19 -22.78 27.30
N HIS A 33 5.43 -21.69 27.36
CA HIS A 33 5.73 -20.61 28.30
C HIS A 33 4.54 -20.32 29.20
N GLN A 34 3.63 -21.29 29.33
CA GLN A 34 2.46 -21.09 30.16
C GLN A 34 2.82 -20.70 31.59
N PRO A 35 3.74 -21.45 32.23
CA PRO A 35 4.12 -21.10 33.60
C PRO A 35 4.34 -19.60 33.80
N LEU A 36 5.11 -18.98 32.91
CA LEU A 36 5.40 -17.55 33.02
C LEU A 36 4.23 -16.67 32.58
N LEU A 37 3.57 -17.06 31.49
CA LEU A 37 2.44 -16.29 30.99
C LEU A 37 1.29 -16.39 31.98
N GLU A 38 1.33 -17.42 32.82
CA GLU A 38 0.30 -17.66 33.84
C GLU A 38 0.15 -16.38 34.63
N GLN A 39 1.28 -15.74 34.91
CA GLN A 39 1.26 -14.48 35.62
C GLN A 39 1.06 -13.47 34.48
N HIS A 40 1.10 -12.18 34.77
CA HIS A 40 0.88 -11.20 33.69
C HIS A 40 -0.57 -11.31 33.22
N VAL A 41 -1.09 -10.23 32.67
CA VAL A 41 -2.47 -10.19 32.18
C VAL A 41 -2.47 -10.35 30.67
N LEU A 42 -3.34 -11.22 30.16
CA LEU A 42 -3.38 -11.49 28.72
C LEU A 42 -4.62 -11.02 27.97
N TYR A 43 -4.37 -10.43 26.80
CA TYR A 43 -5.43 -9.95 25.93
C TYR A 43 -5.15 -10.56 24.56
N ALA A 44 -6.18 -10.63 23.73
CA ALA A 44 -6.02 -11.18 22.40
C ALA A 44 -7.20 -10.81 21.53
N THR A 45 -7.01 -10.94 20.22
CA THR A 45 -8.08 -10.68 19.28
C THR A 45 -9.01 -11.87 19.43
N GLY A 46 -10.14 -11.82 18.75
CA GLY A 46 -11.14 -12.86 18.85
C GLY A 46 -10.73 -14.32 18.75
N THR A 47 -10.45 -14.78 17.54
CA THR A 47 -10.10 -16.16 17.30
C THR A 47 -8.90 -16.62 18.12
N THR A 48 -7.79 -15.93 17.96
CA THR A 48 -6.56 -16.26 18.69
C THR A 48 -6.85 -16.42 20.18
N GLY A 49 -7.54 -15.45 20.77
CA GLY A 49 -7.83 -15.49 22.19
C GLY A 49 -8.61 -16.71 22.66
N ASN A 50 -9.73 -17.01 22.02
CA ASN A 50 -10.53 -18.15 22.42
C ASN A 50 -9.77 -19.46 22.29
N LEU A 51 -8.95 -19.59 21.25
CA LEU A 51 -8.20 -20.81 21.07
C LEU A 51 -7.24 -21.01 22.23
N ILE A 52 -6.52 -19.95 22.60
CA ILE A 52 -5.57 -20.06 23.70
C ILE A 52 -6.27 -20.47 24.99
N SER A 53 -7.34 -19.75 25.33
CA SER A 53 -8.10 -20.01 26.53
C SER A 53 -8.66 -21.43 26.53
N ARG A 54 -9.04 -21.89 25.35
CA ARG A 54 -9.61 -23.22 25.20
C ARG A 54 -8.61 -24.38 25.31
N ALA A 55 -7.34 -24.12 25.02
CA ALA A 55 -6.33 -25.17 25.06
C ALA A 55 -5.39 -25.11 26.27
N THR A 56 -5.37 -24.00 26.97
CA THR A 56 -4.47 -23.87 28.11
C THR A 56 -5.21 -23.63 29.42
N GLY A 57 -6.43 -23.14 29.33
CA GLY A 57 -7.20 -22.86 30.53
C GLY A 57 -6.90 -21.50 31.16
N MET A 58 -6.01 -20.74 30.53
CA MET A 58 -5.67 -19.43 31.06
C MET A 58 -6.77 -18.40 30.82
N ASN A 59 -6.73 -17.33 31.61
CA ASN A 59 -7.72 -16.27 31.45
C ASN A 59 -7.21 -15.31 30.39
N VAL A 60 -8.04 -15.07 29.37
CA VAL A 60 -7.66 -14.17 28.30
C VAL A 60 -8.82 -13.24 27.95
N ASN A 61 -8.53 -11.94 27.96
CA ASN A 61 -9.53 -10.94 27.61
C ASN A 61 -9.52 -10.85 26.08
N ALA A 62 -10.53 -11.44 25.45
CA ALA A 62 -10.62 -11.46 24.00
C ALA A 62 -11.42 -10.29 23.43
N MET A 63 -10.85 -9.66 22.40
CA MET A 63 -11.48 -8.54 21.72
C MET A 63 -12.17 -9.14 20.51
N LEU A 64 -12.61 -8.28 19.59
CA LEU A 64 -13.24 -8.74 18.37
C LEU A 64 -12.16 -9.41 17.54
N SER A 65 -12.59 -10.13 16.51
CA SER A 65 -11.65 -10.79 15.61
C SER A 65 -10.92 -9.70 14.83
N GLY A 66 -9.69 -9.96 14.44
CA GLY A 66 -8.91 -8.97 13.69
C GLY A 66 -9.65 -8.25 12.58
N PRO A 67 -10.17 -9.00 11.60
CA PRO A 67 -10.90 -8.44 10.46
C PRO A 67 -12.14 -7.66 10.86
N MET A 68 -12.67 -7.94 12.04
CA MET A 68 -13.86 -7.26 12.49
C MET A 68 -13.60 -6.02 13.35
N GLY A 69 -12.32 -5.72 13.58
CA GLY A 69 -11.95 -4.56 14.37
C GLY A 69 -11.03 -4.83 15.55
N GLY A 70 -10.68 -6.09 15.77
CA GLY A 70 -9.81 -6.45 16.88
C GLY A 70 -8.44 -5.79 16.88
N ASP A 71 -7.85 -5.66 15.71
CA ASP A 71 -6.54 -5.04 15.56
C ASP A 71 -6.60 -3.59 16.05
N GLN A 72 -7.66 -2.88 15.67
CA GLN A 72 -7.83 -1.50 16.07
C GLN A 72 -8.13 -1.37 17.55
N GLN A 73 -8.81 -2.37 18.11
CA GLN A 73 -9.12 -2.35 19.53
C GLN A 73 -7.79 -2.48 20.29
N VAL A 74 -6.93 -3.40 19.84
CA VAL A 74 -5.64 -3.57 20.49
C VAL A 74 -4.87 -2.27 20.30
N GLY A 75 -4.89 -1.75 19.08
CA GLY A 75 -4.20 -0.51 18.78
C GLY A 75 -4.60 0.60 19.75
N ALA A 76 -5.91 0.77 19.95
CA ALA A 76 -6.40 1.80 20.85
C ALA A 76 -5.87 1.59 22.27
N LEU A 77 -5.92 0.34 22.75
CA LEU A 77 -5.42 0.01 24.08
C LEU A 77 -3.95 0.35 24.22
N ILE A 78 -3.19 0.13 23.15
CA ILE A 78 -1.78 0.46 23.20
C ILE A 78 -1.58 1.97 23.35
N SER A 79 -2.25 2.76 22.51
CA SER A 79 -2.10 4.21 22.59
C SER A 79 -2.58 4.77 23.93
N GLU A 80 -3.44 4.02 24.61
CA GLU A 80 -3.94 4.45 25.90
C GLU A 80 -3.10 3.91 27.05
N GLY A 81 -1.95 3.32 26.72
CA GLY A 81 -1.07 2.76 27.73
C GLY A 81 -1.64 1.59 28.52
N LYS A 82 -2.56 0.86 27.89
CA LYS A 82 -3.19 -0.31 28.51
C LYS A 82 -2.53 -1.62 28.12
N ILE A 83 -1.66 -1.59 27.10
CA ILE A 83 -0.95 -2.79 26.65
C ILE A 83 0.56 -2.53 26.79
N ASP A 84 1.27 -3.46 27.40
CA ASP A 84 2.72 -3.28 27.60
C ASP A 84 3.61 -4.05 26.66
N VAL A 85 3.10 -5.16 26.17
CA VAL A 85 3.86 -6.01 25.27
C VAL A 85 2.93 -6.51 24.18
N LEU A 86 3.44 -6.56 22.95
CA LEU A 86 2.64 -7.05 21.83
C LEU A 86 3.32 -8.21 21.13
N ILE A 87 2.67 -9.37 21.14
CA ILE A 87 3.18 -10.55 20.46
C ILE A 87 2.26 -10.68 19.26
N PHE A 88 2.75 -10.33 18.08
CA PHE A 88 1.94 -10.37 16.89
C PHE A 88 2.57 -11.19 15.78
N PHE A 89 2.09 -12.42 15.61
CA PHE A 89 2.62 -13.29 14.55
C PHE A 89 1.78 -13.11 13.28
N TRP A 90 2.13 -12.13 12.46
CA TRP A 90 1.39 -11.93 11.22
C TRP A 90 2.02 -12.81 10.16
N ASP A 91 1.21 -13.26 9.22
CA ASP A 91 1.69 -14.13 8.17
C ASP A 91 2.47 -13.34 7.11
N PRO A 92 3.77 -13.62 6.96
CA PRO A 92 4.62 -12.93 5.99
C PRO A 92 4.61 -13.62 4.62
N LEU A 93 3.84 -14.69 4.50
CA LEU A 93 3.79 -15.43 3.24
C LEU A 93 2.39 -15.51 2.63
N ASN A 94 1.49 -14.69 3.13
CA ASN A 94 0.12 -14.66 2.63
C ASN A 94 -0.48 -13.29 2.88
N ALA A 95 -1.29 -12.82 1.92
CA ALA A 95 -1.93 -11.51 2.03
C ALA A 95 -3.23 -11.60 2.83
N VAL A 96 -3.58 -10.52 3.53
CA VAL A 96 -4.82 -10.50 4.31
C VAL A 96 -5.61 -9.24 4.00
N PRO A 97 -6.94 -9.32 4.10
CA PRO A 97 -7.82 -8.17 3.83
C PRO A 97 -7.60 -7.02 4.81
N ASN A 98 -7.32 -7.36 6.07
CA ASN A 98 -7.08 -6.33 7.06
C ASN A 98 -5.60 -5.92 7.11
N ASP A 99 -4.99 -5.81 5.92
CA ASP A 99 -3.58 -5.42 5.83
C ASP A 99 -3.34 -4.02 6.42
N PRO A 100 -4.23 -3.06 6.12
CA PRO A 100 -4.00 -1.72 6.68
C PRO A 100 -4.13 -1.75 8.20
N ASP A 101 -5.05 -2.55 8.72
CA ASP A 101 -5.22 -2.66 10.17
C ASP A 101 -3.93 -3.19 10.77
N VAL A 102 -3.33 -4.18 10.11
CA VAL A 102 -2.08 -4.80 10.56
C VAL A 102 -0.96 -3.76 10.61
N LYS A 103 -0.73 -3.07 9.49
CA LYS A 103 0.30 -2.06 9.42
C LYS A 103 0.04 -0.94 10.44
N ALA A 104 -1.22 -0.56 10.59
CA ALA A 104 -1.60 0.50 11.53
C ALA A 104 -1.27 0.11 12.95
N LEU A 105 -1.51 -1.15 13.28
CA LEU A 105 -1.24 -1.66 14.62
C LEU A 105 0.26 -1.64 14.89
N LEU A 106 1.06 -2.08 13.92
CA LEU A 106 2.50 -2.10 14.12
C LEU A 106 3.05 -0.67 14.16
N ARG A 107 2.40 0.26 13.46
CA ARG A 107 2.85 1.65 13.48
C ARG A 107 2.68 2.22 14.89
N LEU A 108 1.52 1.99 15.50
CA LEU A 108 1.25 2.48 16.84
C LEU A 108 2.15 1.85 17.89
N ALA A 109 2.45 0.56 17.74
CA ALA A 109 3.32 -0.12 18.68
C ALA A 109 4.71 0.52 18.64
N THR A 110 5.12 0.92 17.43
CA THR A 110 6.40 1.56 17.22
C THR A 110 6.37 2.96 17.84
N VAL A 111 5.29 3.70 17.56
CA VAL A 111 5.14 5.05 18.08
C VAL A 111 5.17 5.07 19.60
N TRP A 112 4.37 4.19 20.21
CA TRP A 112 4.30 4.17 21.67
C TRP A 112 5.44 3.44 22.36
N ASN A 113 6.42 3.01 21.57
CA ASN A 113 7.63 2.38 22.09
C ASN A 113 7.47 1.24 23.10
N ILE A 114 6.66 0.25 22.77
CA ILE A 114 6.50 -0.89 23.66
C ILE A 114 7.18 -2.08 23.00
N PRO A 115 7.58 -3.08 23.80
CA PRO A 115 8.24 -4.29 23.28
C PRO A 115 7.29 -4.99 22.31
N VAL A 116 7.77 -5.27 21.10
CA VAL A 116 6.96 -5.92 20.08
C VAL A 116 7.73 -7.07 19.45
N ALA A 117 7.10 -8.23 19.33
CA ALA A 117 7.72 -9.39 18.70
C ALA A 117 6.82 -9.88 17.54
N THR A 118 7.40 -10.06 16.36
CA THR A 118 6.65 -10.53 15.18
C THR A 118 7.06 -11.93 14.70
N ASN A 119 7.96 -12.57 15.45
CA ASN A 119 8.39 -13.92 15.12
C ASN A 119 8.79 -14.59 16.44
N VAL A 120 9.00 -15.90 16.41
CA VAL A 120 9.35 -16.65 17.61
C VAL A 120 10.67 -16.24 18.27
N ALA A 121 11.70 -16.02 17.46
CA ALA A 121 12.99 -15.63 17.99
C ALA A 121 12.87 -14.36 18.81
N THR A 122 12.13 -13.38 18.29
CA THR A 122 12.00 -12.13 19.02
C THR A 122 11.21 -12.32 20.30
N ALA A 123 10.18 -13.16 20.23
CA ALA A 123 9.36 -13.42 21.41
C ALA A 123 10.22 -14.09 22.47
N ASP A 124 10.99 -15.11 22.07
CA ASP A 124 11.85 -15.80 23.02
C ASP A 124 12.80 -14.85 23.70
N PHE A 125 13.42 -13.96 22.94
CA PHE A 125 14.36 -13.00 23.53
C PHE A 125 13.71 -12.04 24.50
N ILE A 126 12.51 -11.58 24.19
CA ILE A 126 11.83 -10.64 25.08
C ILE A 126 11.39 -11.28 26.39
N ILE A 127 10.85 -12.49 26.30
CA ILE A 127 10.36 -13.19 27.48
C ILE A 127 11.49 -13.72 28.36
N GLN A 128 12.65 -13.95 27.75
CA GLN A 128 13.81 -14.43 28.47
C GLN A 128 14.61 -13.28 29.03
N SER A 129 14.29 -12.07 28.61
CA SER A 129 15.01 -10.88 29.08
C SER A 129 14.78 -10.67 30.57
N PRO A 130 15.84 -10.36 31.32
CA PRO A 130 15.73 -10.16 32.77
C PRO A 130 14.62 -9.23 33.27
N HIS A 131 14.52 -8.03 32.70
CA HIS A 131 13.51 -7.08 33.15
C HIS A 131 12.09 -7.27 32.60
N PHE A 132 11.77 -8.49 32.20
CA PHE A 132 10.45 -8.80 31.68
C PHE A 132 9.44 -8.91 32.82
N ASN A 133 9.92 -9.36 33.97
CA ASN A 133 9.07 -9.51 35.14
C ASN A 133 9.25 -8.37 36.12
N ASP A 134 9.94 -7.31 35.68
CA ASP A 134 10.15 -6.15 36.53
C ASP A 134 9.52 -4.90 35.96
N ALA A 135 9.45 -3.86 36.79
CA ALA A 135 8.90 -2.60 36.34
C ALA A 135 10.05 -1.94 35.59
N VAL A 136 9.76 -1.45 34.40
CA VAL A 136 10.79 -0.81 33.59
C VAL A 136 10.23 0.44 32.95
N ASP A 137 11.01 1.51 32.99
CA ASP A 137 10.58 2.76 32.41
C ASP A 137 10.94 2.78 30.93
N ILE A 138 10.00 3.25 30.11
CA ILE A 138 10.21 3.35 28.68
C ILE A 138 9.98 4.81 28.31
N LEU A 139 10.68 5.27 27.28
CA LEU A 139 10.52 6.64 26.80
C LEU A 139 9.32 6.70 25.85
N ILE A 140 8.37 7.58 26.15
CA ILE A 140 7.19 7.71 25.31
C ILE A 140 6.99 9.17 24.95
N PRO A 141 6.30 9.45 23.83
CA PRO A 141 6.11 10.87 23.52
C PRO A 141 5.22 11.57 24.54
N ASP A 142 5.47 12.85 24.77
CA ASP A 142 4.66 13.63 25.70
C ASP A 142 3.50 14.15 24.88
N TYR A 143 2.35 13.47 24.98
CA TYR A 143 1.17 13.86 24.22
C TYR A 143 0.67 15.27 24.53
N GLN A 144 0.73 15.66 25.80
CA GLN A 144 0.28 16.99 26.20
C GLN A 144 1.07 18.06 25.45
N ARG A 145 2.40 17.94 25.45
CA ARG A 145 3.25 18.89 24.75
C ARG A 145 2.97 18.86 23.26
N TYR A 146 2.74 17.65 22.74
CA TYR A 146 2.44 17.44 21.33
C TYR A 146 1.13 18.12 20.93
N LEU A 147 0.10 17.95 21.76
CA LEU A 147 -1.20 18.53 21.48
C LEU A 147 -1.15 20.04 21.65
N ALA A 148 -0.45 20.50 22.68
CA ALA A 148 -0.32 21.93 22.93
C ALA A 148 0.29 22.61 21.70
N ASP A 149 1.26 21.94 21.10
CA ASP A 149 1.94 22.45 19.92
C ASP A 149 1.06 22.38 18.67
N ARG A 150 -0.09 21.73 18.81
CA ARG A 150 -1.01 21.58 17.68
C ARG A 150 -2.09 22.66 17.70
N LEU A 151 -2.44 23.12 18.90
CA LEU A 151 -3.46 24.13 19.06
C LEU A 151 -2.88 25.52 19.36
N LYS A 152 -1.60 25.71 19.06
CA LYS A 152 -0.91 26.99 19.30
C LYS A 152 -1.69 28.18 18.73
N MET B 1 4.48 -25.84 6.31
CA MET B 1 5.89 -25.72 5.82
C MET B 1 6.87 -26.34 6.81
N GLU B 2 7.69 -27.27 6.32
CA GLU B 2 8.68 -27.93 7.16
C GLU B 2 9.75 -26.93 7.63
N LEU B 3 10.18 -27.09 8.89
CA LEU B 3 11.17 -26.21 9.48
C LEU B 3 12.45 -26.95 9.83
N THR B 4 13.54 -26.21 9.89
CA THR B 4 14.84 -26.76 10.25
C THR B 4 15.45 -25.74 11.21
N THR B 5 16.74 -25.85 11.52
CA THR B 5 17.34 -24.90 12.44
C THR B 5 18.62 -24.27 11.91
N ARG B 6 18.99 -23.16 12.54
CA ARG B 6 20.21 -22.43 12.22
C ARG B 6 20.73 -21.93 13.56
N THR B 7 22.05 -21.87 13.71
CA THR B 7 22.64 -21.43 14.96
C THR B 7 23.15 -20.00 14.86
N LEU B 8 22.65 -19.12 15.72
CA LEU B 8 23.11 -17.74 15.72
C LEU B 8 24.41 -17.77 16.50
N PRO B 9 25.52 -17.32 15.89
CA PRO B 9 26.80 -17.34 16.62
C PRO B 9 26.83 -16.42 17.84
N ALA B 10 27.77 -16.68 18.74
CA ALA B 10 27.93 -15.89 19.96
C ALA B 10 28.13 -14.42 19.60
N ARG B 11 28.99 -14.16 18.63
CA ARG B 11 29.23 -12.80 18.15
C ARG B 11 28.24 -12.58 17.01
N LYS B 12 27.12 -11.96 17.35
CA LYS B 12 26.05 -11.69 16.39
C LYS B 12 26.41 -10.74 15.25
N HIS B 13 25.82 -10.97 14.09
CA HIS B 13 26.01 -10.08 12.96
C HIS B 13 24.78 -9.19 13.03
N ILE B 14 24.97 -7.96 13.49
CA ILE B 14 23.89 -7.01 13.70
C ILE B 14 23.77 -5.93 12.64
N ALA B 15 22.57 -5.78 12.07
CA ALA B 15 22.35 -4.73 11.08
C ALA B 15 21.64 -3.58 11.78
N LEU B 16 22.13 -2.37 11.55
CA LEU B 16 21.56 -1.17 12.15
C LEU B 16 21.07 -0.22 11.07
N VAL B 17 19.76 0.03 11.06
CA VAL B 17 19.16 0.89 10.05
C VAL B 17 18.24 1.90 10.71
N ALA B 18 18.26 3.14 10.22
CA ALA B 18 17.40 4.17 10.76
C ALA B 18 17.02 5.20 9.72
N HIS B 19 15.76 5.61 9.75
CA HIS B 19 15.29 6.66 8.84
C HIS B 19 15.80 7.96 9.44
N ASP B 20 15.94 8.99 8.61
CA ASP B 20 16.46 10.27 9.08
C ASP B 20 15.89 10.80 10.39
N HIS B 21 14.57 10.89 10.52
CA HIS B 21 13.98 11.40 11.74
C HIS B 21 14.22 10.49 12.95
N CYS B 22 14.88 9.37 12.71
CA CYS B 22 15.16 8.42 13.77
C CYS B 22 16.66 8.23 14.03
N LYS B 23 17.50 8.85 13.19
CA LYS B 23 18.95 8.71 13.34
C LYS B 23 19.53 9.15 14.67
N GLN B 24 19.03 10.23 15.25
CA GLN B 24 19.56 10.69 16.51
C GLN B 24 19.18 9.67 17.58
N MET B 25 17.95 9.16 17.47
CA MET B 25 17.43 8.17 18.41
C MET B 25 18.26 6.89 18.35
N LEU B 26 18.72 6.53 17.15
CA LEU B 26 19.53 5.34 17.01
C LEU B 26 20.94 5.61 17.53
N MET B 27 21.49 6.77 17.17
CA MET B 27 22.82 7.17 17.59
C MET B 27 22.98 7.04 19.09
N SER B 28 22.04 7.63 19.80
CA SER B 28 22.04 7.60 21.26
C SER B 28 21.97 6.19 21.81
N TRP B 29 21.16 5.35 21.19
CA TRP B 29 21.00 3.97 21.65
C TRP B 29 22.31 3.20 21.48
N VAL B 30 23.00 3.48 20.39
CA VAL B 30 24.27 2.83 20.09
C VAL B 30 25.36 3.27 21.07
N GLU B 31 25.39 4.56 21.40
CA GLU B 31 26.40 5.08 22.33
C GLU B 31 26.20 4.52 23.72
N ARG B 32 24.94 4.42 24.14
CA ARG B 32 24.62 3.91 25.47
C ARG B 32 25.04 2.46 25.65
N HIS B 33 24.99 1.67 24.57
CA HIS B 33 25.34 0.25 24.62
C HIS B 33 26.61 -0.10 23.88
N GLN B 34 27.44 0.90 23.62
CA GLN B 34 28.69 0.66 22.90
C GLN B 34 29.56 -0.47 23.47
N PRO B 35 29.73 -0.51 24.80
CA PRO B 35 30.56 -1.55 25.43
C PRO B 35 30.11 -2.94 25.04
N LEU B 36 28.81 -3.08 24.79
CA LEU B 36 28.26 -4.36 24.42
C LEU B 36 28.35 -4.56 22.89
N LEU B 37 28.01 -3.52 22.15
CA LEU B 37 28.03 -3.59 20.69
C LEU B 37 29.42 -3.80 20.12
N GLU B 38 30.44 -3.34 20.84
CA GLU B 38 31.83 -3.50 20.38
C GLU B 38 32.22 -4.96 20.30
N GLN B 39 31.49 -5.81 21.02
CA GLN B 39 31.78 -7.24 21.05
C GLN B 39 31.16 -8.00 19.88
N HIS B 40 30.32 -7.33 19.09
CA HIS B 40 29.67 -7.98 17.95
C HIS B 40 30.10 -7.36 16.62
N VAL B 41 29.57 -7.91 15.53
CA VAL B 41 29.88 -7.43 14.19
C VAL B 41 28.77 -6.55 13.64
N LEU B 42 29.09 -5.30 13.38
CA LEU B 42 28.11 -4.34 12.92
C LEU B 42 28.03 -4.08 11.42
N TYR B 43 26.80 -3.98 10.95
CA TYR B 43 26.47 -3.72 9.56
C TYR B 43 25.44 -2.61 9.63
N ALA B 44 25.32 -1.84 8.56
CA ALA B 44 24.38 -0.74 8.52
C ALA B 44 24.22 -0.27 7.09
N THR B 45 23.16 0.49 6.84
CA THR B 45 22.95 1.06 5.52
C THR B 45 23.90 2.26 5.46
N GLY B 46 24.20 2.69 4.23
CA GLY B 46 25.11 3.80 4.01
C GLY B 46 25.25 4.96 4.98
N THR B 47 24.21 5.79 5.07
CA THR B 47 24.27 6.95 5.94
C THR B 47 24.40 6.54 7.41
N THR B 48 23.42 5.79 7.90
CA THR B 48 23.46 5.31 9.28
C THR B 48 24.86 4.78 9.64
N GLY B 49 25.41 3.96 8.76
CA GLY B 49 26.72 3.37 9.01
C GLY B 49 27.84 4.35 9.25
N ASN B 50 28.02 5.26 8.31
CA ASN B 50 29.09 6.24 8.42
C ASN B 50 28.91 7.15 9.63
N LEU B 51 27.68 7.56 9.92
CA LEU B 51 27.43 8.42 11.06
C LEU B 51 27.86 7.77 12.37
N ILE B 52 27.68 6.46 12.46
CA ILE B 52 28.04 5.71 13.66
C ILE B 52 29.53 5.53 13.83
N SER B 53 30.19 4.94 12.83
CA SER B 53 31.62 4.73 12.92
C SER B 53 32.34 6.05 13.26
N ARG B 54 31.85 7.16 12.69
CA ARG B 54 32.46 8.46 12.95
C ARG B 54 32.27 8.94 14.39
N ALA B 55 31.06 8.81 14.92
CA ALA B 55 30.77 9.25 16.27
C ALA B 55 31.24 8.33 17.39
N THR B 56 31.55 7.08 17.06
CA THR B 56 31.95 6.13 18.09
C THR B 56 33.31 5.48 17.87
N GLY B 57 33.75 5.43 16.62
CA GLY B 57 35.02 4.81 16.31
C GLY B 57 34.89 3.33 16.06
N MET B 58 33.67 2.79 16.20
CA MET B 58 33.45 1.37 15.97
C MET B 58 33.50 1.07 14.48
N ASN B 59 33.83 -0.17 14.14
CA ASN B 59 33.89 -0.57 12.75
C ASN B 59 32.51 -1.05 12.35
N VAL B 60 31.96 -0.43 11.31
CA VAL B 60 30.64 -0.80 10.80
C VAL B 60 30.70 -1.13 9.31
N ASN B 61 30.20 -2.31 8.94
CA ASN B 61 30.20 -2.67 7.53
C ASN B 61 29.00 -1.96 6.88
N ALA B 62 29.29 -0.81 6.26
CA ALA B 62 28.27 0.00 5.61
C ALA B 62 27.92 -0.43 4.19
N MET B 63 26.64 -0.65 3.95
CA MET B 63 26.11 -1.05 2.65
C MET B 63 25.71 0.25 1.96
N LEU B 64 24.96 0.14 0.87
CA LEU B 64 24.48 1.32 0.17
C LEU B 64 23.42 1.98 1.02
N SER B 65 23.13 3.23 0.70
CA SER B 65 22.11 3.96 1.41
C SER B 65 20.77 3.29 1.16
N GLY B 66 19.88 3.35 2.15
CA GLY B 66 18.58 2.70 2.00
C GLY B 66 17.89 2.93 0.68
N PRO B 67 17.57 4.19 0.35
CA PRO B 67 16.89 4.59 -0.90
C PRO B 67 17.57 4.10 -2.15
N MET B 68 18.90 3.98 -2.09
CA MET B 68 19.66 3.54 -3.24
C MET B 68 19.87 2.03 -3.33
N GLY B 69 19.28 1.28 -2.39
CA GLY B 69 19.42 -0.16 -2.43
C GLY B 69 19.87 -0.85 -1.14
N GLY B 70 20.26 -0.07 -0.15
CA GLY B 70 20.74 -0.62 1.10
C GLY B 70 19.81 -1.57 1.83
N ASP B 71 18.52 -1.24 1.86
CA ASP B 71 17.51 -2.06 2.53
C ASP B 71 17.43 -3.46 1.93
N GLN B 72 17.50 -3.53 0.60
CA GLN B 72 17.43 -4.80 -0.10
C GLN B 72 18.71 -5.58 0.07
N GLN B 73 19.83 -4.88 0.22
CA GLN B 73 21.09 -5.56 0.44
C GLN B 73 20.99 -6.24 1.79
N VAL B 74 20.44 -5.53 2.77
CA VAL B 74 20.29 -6.12 4.10
C VAL B 74 19.31 -7.29 4.02
N GLY B 75 18.19 -7.10 3.34
CA GLY B 75 17.23 -8.19 3.21
C GLY B 75 17.90 -9.44 2.63
N ALA B 76 18.73 -9.25 1.61
CA ALA B 76 19.42 -10.36 0.96
C ALA B 76 20.34 -11.06 1.95
N LEU B 77 21.09 -10.27 2.71
CA LEU B 77 21.98 -10.83 3.70
C LEU B 77 21.19 -11.64 4.73
N ILE B 78 20.04 -11.12 5.14
CA ILE B 78 19.21 -11.82 6.11
C ILE B 78 18.77 -13.18 5.56
N SER B 79 18.26 -13.17 4.33
CA SER B 79 17.78 -14.41 3.73
C SER B 79 18.92 -15.41 3.51
N GLU B 80 20.16 -14.92 3.48
CA GLU B 80 21.30 -15.81 3.28
C GLU B 80 21.91 -16.25 4.61
N GLY B 81 21.28 -15.88 5.72
CA GLY B 81 21.78 -16.26 7.03
C GLY B 81 23.02 -15.53 7.50
N LYS B 82 23.31 -14.39 6.86
CA LYS B 82 24.48 -13.60 7.20
C LYS B 82 24.20 -12.49 8.22
N ILE B 83 22.93 -12.23 8.51
CA ILE B 83 22.55 -11.23 9.50
C ILE B 83 21.75 -11.98 10.57
N ASP B 84 22.07 -11.72 11.84
CA ASP B 84 21.39 -12.41 12.93
C ASP B 84 20.44 -11.57 13.75
N VAL B 85 20.62 -10.26 13.72
CA VAL B 85 19.76 -9.37 14.47
C VAL B 85 19.48 -8.11 13.68
N LEU B 86 18.22 -7.69 13.66
CA LEU B 86 17.88 -6.47 12.93
C LEU B 86 17.36 -5.38 13.85
N ILE B 87 18.01 -4.22 13.79
CA ILE B 87 17.61 -3.06 14.59
C ILE B 87 17.19 -2.05 13.53
N PHE B 88 15.88 -1.83 13.39
CA PHE B 88 15.42 -0.92 12.36
C PHE B 88 14.46 0.14 12.87
N PHE B 89 14.97 1.34 13.09
CA PHE B 89 14.15 2.44 13.56
C PHE B 89 13.58 3.23 12.39
N TRP B 90 12.39 2.82 11.94
CA TRP B 90 11.76 3.52 10.84
C TRP B 90 10.85 4.58 11.43
N ASP B 91 10.63 5.65 10.68
CA ASP B 91 9.81 6.76 11.13
C ASP B 91 8.31 6.42 11.07
N PRO B 92 7.65 6.37 12.24
CA PRO B 92 6.21 6.06 12.29
C PRO B 92 5.32 7.27 12.12
N LEU B 93 5.92 8.45 11.95
CA LEU B 93 5.15 9.67 11.79
C LEU B 93 5.46 10.43 10.52
N ASN B 94 6.13 9.78 9.57
CA ASN B 94 6.49 10.45 8.31
C ASN B 94 6.68 9.48 7.14
N ALA B 95 5.76 9.51 6.18
CA ALA B 95 5.84 8.63 5.02
C ALA B 95 7.25 8.76 4.43
N VAL B 96 7.71 7.73 3.73
CA VAL B 96 9.03 7.79 3.11
C VAL B 96 8.99 7.22 1.70
N PRO B 97 9.99 7.58 0.87
CA PRO B 97 10.08 7.10 -0.51
C PRO B 97 10.28 5.61 -0.61
N ASN B 98 11.19 5.05 0.18
CA ASN B 98 11.41 3.63 0.05
C ASN B 98 10.54 2.81 0.98
N ASP B 99 9.27 3.19 1.10
CA ASP B 99 8.34 2.49 1.97
C ASP B 99 8.22 1.01 1.62
N PRO B 100 8.12 0.69 0.30
CA PRO B 100 8.03 -0.74 -0.06
C PRO B 100 9.27 -1.52 0.36
N ASP B 101 10.44 -0.88 0.28
CA ASP B 101 11.70 -1.52 0.67
C ASP B 101 11.66 -1.82 2.16
N VAL B 102 11.10 -0.87 2.90
CA VAL B 102 10.98 -0.98 4.33
C VAL B 102 10.13 -2.18 4.71
N LYS B 103 8.93 -2.24 4.14
CA LYS B 103 8.00 -3.33 4.41
C LYS B 103 8.55 -4.68 3.97
N ALA B 104 9.29 -4.69 2.86
CA ALA B 104 9.87 -5.92 2.34
C ALA B 104 10.98 -6.43 3.26
N LEU B 105 11.73 -5.48 3.83
CA LEU B 105 12.80 -5.84 4.73
C LEU B 105 12.23 -6.48 6.00
N LEU B 106 11.22 -5.84 6.59
CA LEU B 106 10.59 -6.37 7.79
C LEU B 106 9.90 -7.71 7.56
N ARG B 107 9.37 -7.91 6.36
CA ARG B 107 8.69 -9.15 6.03
C ARG B 107 9.71 -10.30 6.02
N LEU B 108 10.84 -10.08 5.36
CA LEU B 108 11.86 -11.12 5.31
C LEU B 108 12.44 -11.45 6.67
N ALA B 109 12.62 -10.44 7.50
CA ALA B 109 13.16 -10.65 8.84
C ALA B 109 12.19 -11.51 9.64
N THR B 110 10.91 -11.37 9.34
CA THR B 110 9.85 -12.13 9.98
C THR B 110 9.92 -13.56 9.48
N VAL B 111 10.06 -13.70 8.18
CA VAL B 111 10.16 -15.00 7.53
C VAL B 111 11.32 -15.83 8.07
N TRP B 112 12.50 -15.23 8.13
CA TRP B 112 13.67 -15.96 8.58
C TRP B 112 13.84 -16.05 10.09
N ASN B 113 12.82 -15.60 10.81
CA ASN B 113 12.81 -15.69 12.26
C ASN B 113 14.06 -15.21 13.02
N ILE B 114 14.52 -14.00 12.73
CA ILE B 114 15.65 -13.46 13.46
C ILE B 114 15.12 -12.39 14.40
N PRO B 115 15.83 -12.12 15.51
CA PRO B 115 15.41 -11.11 16.47
C PRO B 115 15.37 -9.75 15.75
N VAL B 116 14.22 -9.08 15.81
CA VAL B 116 14.05 -7.79 15.15
C VAL B 116 13.50 -6.74 16.11
N ALA B 117 14.08 -5.54 16.07
CA ALA B 117 13.60 -4.46 16.93
C ALA B 117 13.27 -3.24 16.07
N THR B 118 12.07 -2.69 16.24
CA THR B 118 11.69 -1.51 15.48
C THR B 118 11.52 -0.28 16.37
N ASN B 119 11.89 -0.43 17.64
CA ASN B 119 11.85 0.69 18.59
C ASN B 119 12.87 0.42 19.68
N VAL B 120 13.12 1.45 20.50
CA VAL B 120 14.09 1.37 21.59
C VAL B 120 13.78 0.34 22.67
N ALA B 121 12.51 0.26 23.07
CA ALA B 121 12.14 -0.69 24.11
C ALA B 121 12.43 -2.12 23.70
N THR B 122 12.09 -2.47 22.47
CA THR B 122 12.33 -3.83 21.98
C THR B 122 13.83 -4.07 21.86
N ALA B 123 14.56 -3.07 21.38
CA ALA B 123 16.00 -3.18 21.21
C ALA B 123 16.69 -3.41 22.56
N ASP B 124 16.23 -2.70 23.59
CA ASP B 124 16.81 -2.88 24.91
C ASP B 124 16.55 -4.28 25.43
N PHE B 125 15.33 -4.75 25.29
CA PHE B 125 14.97 -6.09 25.75
C PHE B 125 15.79 -7.18 25.07
N ILE B 126 15.97 -7.05 23.77
CA ILE B 126 16.72 -8.04 23.00
C ILE B 126 18.18 -8.08 23.44
N ILE B 127 18.80 -6.91 23.49
CA ILE B 127 20.20 -6.80 23.85
C ILE B 127 20.49 -7.19 25.30
N GLN B 128 19.49 -7.12 26.16
CA GLN B 128 19.69 -7.49 27.57
C GLN B 128 19.34 -8.96 27.80
N SER B 129 18.87 -9.64 26.76
CA SER B 129 18.51 -11.04 26.89
C SER B 129 19.79 -11.88 27.07
N PRO B 130 19.77 -12.84 28.00
CA PRO B 130 20.93 -13.68 28.26
C PRO B 130 21.66 -14.30 27.07
N HIS B 131 20.90 -14.83 26.11
CA HIS B 131 21.53 -15.47 24.95
C HIS B 131 21.93 -14.51 23.85
N PHE B 132 21.92 -13.22 24.15
CA PHE B 132 22.32 -12.27 23.13
C PHE B 132 23.80 -12.48 22.84
N ASN B 133 24.58 -12.81 23.87
CA ASN B 133 26.00 -13.02 23.68
C ASN B 133 26.36 -14.51 23.59
N ASP B 134 25.35 -15.36 23.40
CA ASP B 134 25.56 -16.80 23.29
C ASP B 134 25.14 -17.34 21.93
N ALA B 135 25.56 -18.57 21.65
CA ALA B 135 25.18 -19.23 20.42
C ALA B 135 23.84 -19.86 20.77
N VAL B 136 22.85 -19.66 19.92
CA VAL B 136 21.54 -20.24 20.18
C VAL B 136 20.88 -20.58 18.85
N ASP B 137 20.15 -21.68 18.82
CA ASP B 137 19.47 -22.09 17.60
C ASP B 137 18.14 -21.36 17.48
N ILE B 138 17.70 -21.21 16.25
CA ILE B 138 16.40 -20.61 15.92
C ILE B 138 15.80 -21.53 14.87
N LEU B 139 14.48 -21.64 14.83
CA LEU B 139 13.82 -22.45 13.81
C LEU B 139 13.74 -21.58 12.57
N ILE B 140 14.09 -22.15 11.42
CA ILE B 140 14.01 -21.41 10.18
C ILE B 140 13.28 -22.28 9.18
N PRO B 141 12.67 -21.67 8.16
CA PRO B 141 11.97 -22.51 7.19
C PRO B 141 12.97 -23.41 6.47
N ASP B 142 12.54 -24.60 6.07
CA ASP B 142 13.41 -25.54 5.37
C ASP B 142 13.30 -25.22 3.88
N TYR B 143 14.16 -24.32 3.41
CA TYR B 143 14.14 -23.91 2.02
C TYR B 143 14.12 -25.07 1.03
N GLN B 144 15.08 -25.97 1.15
CA GLN B 144 15.18 -27.13 0.28
C GLN B 144 13.83 -27.84 0.12
N ARG B 145 13.22 -28.19 1.24
CA ARG B 145 11.92 -28.87 1.20
C ARG B 145 10.87 -27.97 0.56
N TYR B 146 10.95 -26.67 0.88
CA TYR B 146 10.03 -25.68 0.34
C TYR B 146 10.15 -25.60 -1.18
N LEU B 147 11.38 -25.59 -1.67
CA LEU B 147 11.65 -25.50 -3.09
C LEU B 147 11.16 -26.75 -3.84
N ALA B 148 11.45 -27.93 -3.27
CA ALA B 148 11.06 -29.19 -3.87
C ALA B 148 9.55 -29.21 -4.11
N ASP B 149 8.80 -28.82 -3.09
CA ASP B 149 7.35 -28.76 -3.20
C ASP B 149 6.97 -27.94 -4.41
N ARG B 150 7.70 -26.86 -4.62
CA ARG B 150 7.47 -25.95 -5.74
C ARG B 150 7.75 -26.59 -7.10
N LEU B 151 8.83 -27.36 -7.19
CA LEU B 151 9.20 -28.02 -8.44
C LEU B 151 8.45 -29.34 -8.65
N LYS B 152 7.39 -29.54 -7.88
CA LYS B 152 6.57 -30.74 -7.97
C LYS B 152 5.16 -30.39 -8.46
N MET C 1 -6.16 26.04 -1.52
CA MET C 1 -6.35 25.83 -2.99
C MET C 1 -7.64 26.47 -3.50
N GLU C 2 -7.54 27.13 -4.65
CA GLU C 2 -8.68 27.80 -5.27
C GLU C 2 -9.84 26.82 -5.49
N LEU C 3 -11.05 27.26 -5.17
CA LEU C 3 -12.23 26.42 -5.35
C LEU C 3 -13.29 27.15 -6.17
N THR C 4 -14.00 26.39 -7.00
CA THR C 4 -15.07 26.96 -7.80
C THR C 4 -16.30 26.08 -7.57
N THR C 5 -17.37 26.27 -8.33
CA THR C 5 -18.56 25.47 -8.13
C THR C 5 -19.11 24.86 -9.40
N ARG C 6 -19.79 23.73 -9.24
CA ARG C 6 -20.39 23.01 -10.34
C ARG C 6 -21.81 22.66 -9.89
N THR C 7 -22.74 22.56 -10.83
CA THR C 7 -24.11 22.23 -10.51
C THR C 7 -24.45 20.82 -10.94
N LEU C 8 -24.84 19.98 -9.99
CA LEU C 8 -25.23 18.61 -10.32
C LEU C 8 -26.63 18.73 -10.86
N PRO C 9 -26.89 18.24 -12.08
CA PRO C 9 -28.23 18.32 -12.67
C PRO C 9 -29.25 17.55 -11.85
N ALA C 10 -30.53 17.88 -12.04
CA ALA C 10 -31.59 17.20 -11.32
C ALA C 10 -31.59 15.72 -11.68
N ARG C 11 -31.28 15.44 -12.94
CA ARG C 11 -31.22 14.07 -13.45
C ARG C 11 -29.75 13.67 -13.33
N LYS C 12 -29.45 12.91 -12.28
CA LYS C 12 -28.09 12.49 -11.99
C LYS C 12 -27.54 11.34 -12.83
N HIS C 13 -26.23 11.36 -13.03
CA HIS C 13 -25.54 10.29 -13.76
C HIS C 13 -24.88 9.49 -12.65
N ILE C 14 -25.46 8.33 -12.35
CA ILE C 14 -24.97 7.46 -11.29
C ILE C 14 -24.10 6.34 -11.80
N ALA C 15 -22.99 6.09 -11.11
CA ALA C 15 -22.09 5.00 -11.47
C ALA C 15 -22.30 3.93 -10.40
N LEU C 16 -22.55 2.70 -10.82
CA LEU C 16 -22.77 1.61 -9.89
C LEU C 16 -21.67 0.57 -10.06
N VAL C 17 -20.97 0.27 -8.97
CA VAL C 17 -19.88 -0.70 -9.01
C VAL C 17 -19.92 -1.58 -7.77
N ALA C 18 -19.57 -2.85 -7.94
CA ALA C 18 -19.57 -3.76 -6.82
C ALA C 18 -18.62 -4.92 -7.04
N HIS C 19 -17.89 -5.27 -5.98
CA HIS C 19 -16.98 -6.40 -6.03
C HIS C 19 -17.87 -7.63 -5.93
N ASP C 20 -17.38 -8.77 -6.41
CA ASP C 20 -18.18 -9.98 -6.41
C ASP C 20 -18.97 -10.30 -5.15
N HIS C 21 -18.30 -10.35 -4.00
CA HIS C 21 -18.97 -10.69 -2.76
C HIS C 21 -20.06 -9.71 -2.36
N CYS C 22 -20.08 -8.55 -3.00
CA CYS C 22 -21.07 -7.51 -2.69
C CYS C 22 -22.09 -7.29 -3.79
N LYS C 23 -21.99 -8.04 -4.89
CA LYS C 23 -22.92 -7.87 -6.00
C LYS C 23 -24.39 -8.13 -5.65
N GLN C 24 -24.65 -9.24 -4.96
CA GLN C 24 -26.02 -9.57 -4.57
C GLN C 24 -26.62 -8.41 -3.78
N MET C 25 -25.85 -7.86 -2.85
CA MET C 25 -26.32 -6.75 -2.02
C MET C 25 -26.73 -5.57 -2.89
N LEU C 26 -25.86 -5.17 -3.81
CA LEU C 26 -26.13 -4.05 -4.70
C LEU C 26 -27.36 -4.31 -5.57
N MET C 27 -27.46 -5.54 -6.06
CA MET C 27 -28.57 -5.97 -6.91
C MET C 27 -29.90 -5.70 -6.20
N SER C 28 -30.02 -6.24 -4.99
CA SER C 28 -31.23 -6.09 -4.21
C SER C 28 -31.51 -4.64 -3.90
N TRP C 29 -30.46 -3.89 -3.62
CA TRP C 29 -30.61 -2.47 -3.30
C TRP C 29 -31.14 -1.76 -4.52
N VAL C 30 -30.62 -2.10 -5.68
CA VAL C 30 -31.09 -1.48 -6.91
C VAL C 30 -32.58 -1.78 -7.14
N GLU C 31 -32.98 -3.03 -6.98
CA GLU C 31 -34.38 -3.41 -7.17
C GLU C 31 -35.32 -2.71 -6.20
N ARG C 32 -34.94 -2.60 -4.93
CA ARG C 32 -35.81 -1.93 -3.99
C ARG C 32 -35.91 -0.42 -4.26
N HIS C 33 -34.97 0.10 -5.05
CA HIS C 33 -34.97 1.52 -5.39
C HIS C 33 -35.19 1.76 -6.88
N GLN C 34 -35.59 0.71 -7.59
CA GLN C 34 -35.81 0.83 -9.03
C GLN C 34 -36.66 2.03 -9.46
N PRO C 35 -37.78 2.30 -8.78
CA PRO C 35 -38.59 3.45 -9.22
C PRO C 35 -37.76 4.72 -9.37
N LEU C 36 -37.06 5.11 -8.31
CA LEU C 36 -36.25 6.32 -8.35
C LEU C 36 -35.06 6.24 -9.30
N LEU C 37 -34.40 5.09 -9.34
CA LEU C 37 -33.25 4.94 -10.21
C LEU C 37 -33.60 5.11 -11.69
N GLU C 38 -34.82 4.72 -12.08
CA GLU C 38 -35.24 4.83 -13.48
C GLU C 38 -35.26 6.26 -13.99
N GLN C 39 -35.49 7.21 -13.10
CA GLN C 39 -35.54 8.61 -13.48
C GLN C 39 -34.15 9.20 -13.69
N HIS C 40 -33.11 8.37 -13.55
CA HIS C 40 -31.75 8.84 -13.72
C HIS C 40 -30.98 8.06 -14.78
N VAL C 41 -29.75 8.51 -15.04
CA VAL C 41 -28.88 7.88 -16.03
C VAL C 41 -27.87 7.00 -15.30
N LEU C 42 -27.85 5.72 -15.66
CA LEU C 42 -26.98 4.77 -15.00
C LEU C 42 -25.76 4.29 -15.78
N TYR C 43 -24.67 4.15 -15.05
CA TYR C 43 -23.39 3.68 -15.57
C TYR C 43 -22.91 2.63 -14.59
N ALA C 44 -22.05 1.74 -15.06
CA ALA C 44 -21.52 0.69 -14.20
C ALA C 44 -20.35 -0.02 -14.88
N THR C 45 -19.61 -0.79 -14.10
CA THR C 45 -18.50 -1.54 -14.63
C THR C 45 -19.09 -2.73 -15.38
N GLY C 46 -18.34 -3.27 -16.33
CA GLY C 46 -18.78 -4.39 -17.15
C GLY C 46 -19.71 -5.43 -16.55
N THR C 47 -19.23 -6.19 -15.56
CA THR C 47 -20.02 -7.24 -14.95
C THR C 47 -21.24 -6.71 -14.20
N THR C 48 -21.00 -5.78 -13.29
CA THR C 48 -22.06 -5.21 -12.50
C THR C 48 -23.20 -4.65 -13.34
N GLY C 49 -22.85 -3.88 -14.37
CA GLY C 49 -23.85 -3.29 -15.23
C GLY C 49 -24.75 -4.27 -15.96
N ASN C 50 -24.15 -5.33 -16.51
CA ASN C 50 -24.88 -6.34 -17.23
C ASN C 50 -25.87 -7.11 -16.34
N LEU C 51 -25.42 -7.49 -15.15
CA LEU C 51 -26.28 -8.22 -14.23
C LEU C 51 -27.50 -7.39 -13.92
N ILE C 52 -27.28 -6.12 -13.65
CA ILE C 52 -28.36 -5.20 -13.32
C ILE C 52 -29.41 -5.08 -14.43
N SER C 53 -28.96 -4.82 -15.65
CA SER C 53 -29.90 -4.69 -16.75
C SER C 53 -30.57 -6.01 -17.04
N ARG C 54 -29.83 -7.10 -16.89
CA ARG C 54 -30.35 -8.44 -17.15
C ARG C 54 -31.25 -8.94 -16.04
N ALA C 55 -31.58 -8.07 -15.10
CA ALA C 55 -32.42 -8.45 -13.99
C ALA C 55 -33.50 -7.41 -13.72
N THR C 56 -33.21 -6.17 -14.05
CA THR C 56 -34.16 -5.09 -13.82
C THR C 56 -34.71 -4.53 -15.11
N GLY C 57 -34.06 -4.87 -16.22
CA GLY C 57 -34.52 -4.37 -17.50
C GLY C 57 -34.21 -2.89 -17.67
N MET C 58 -33.53 -2.30 -16.69
CA MET C 58 -33.17 -0.89 -16.80
C MET C 58 -32.00 -0.70 -17.75
N ASN C 59 -31.91 0.51 -18.31
CA ASN C 59 -30.85 0.85 -19.24
C ASN C 59 -29.58 1.21 -18.46
N VAL C 60 -28.51 0.45 -18.67
CA VAL C 60 -27.27 0.71 -17.97
C VAL C 60 -26.06 0.80 -18.90
N ASN C 61 -25.39 1.94 -18.89
CA ASN C 61 -24.21 2.14 -19.71
C ASN C 61 -23.05 1.41 -19.04
N ALA C 62 -22.75 0.21 -19.53
CA ALA C 62 -21.70 -0.60 -18.95
C ALA C 62 -20.31 -0.33 -19.53
N MET C 63 -19.36 -0.05 -18.65
CA MET C 63 -17.98 0.22 -19.01
C MET C 63 -17.31 -1.15 -19.01
N LEU C 64 -15.98 -1.15 -18.95
CA LEU C 64 -15.24 -2.40 -18.92
C LEU C 64 -15.28 -2.98 -17.50
N SER C 65 -14.96 -4.26 -17.40
CA SER C 65 -14.91 -4.93 -16.10
C SER C 65 -13.89 -4.13 -15.29
N GLY C 66 -14.11 -4.03 -13.98
CA GLY C 66 -13.19 -3.28 -13.15
C GLY C 66 -11.73 -3.64 -13.30
N PRO C 67 -11.38 -4.93 -13.15
CA PRO C 67 -9.99 -5.39 -13.27
C PRO C 67 -9.38 -5.11 -14.64
N MET C 68 -10.22 -4.89 -15.64
CA MET C 68 -9.76 -4.64 -16.99
C MET C 68 -9.69 -3.16 -17.35
N GLY C 69 -10.01 -2.29 -16.38
CA GLY C 69 -9.95 -0.87 -16.65
C GLY C 69 -11.22 -0.13 -16.31
N GLY C 70 -12.27 -0.86 -15.94
CA GLY C 70 -13.54 -0.23 -15.59
C GLY C 70 -13.45 0.86 -14.53
N ASP C 71 -12.74 0.58 -13.44
CA ASP C 71 -12.60 1.55 -12.37
C ASP C 71 -11.98 2.85 -12.86
N GLN C 72 -10.96 2.75 -13.69
CA GLN C 72 -10.31 3.95 -14.21
C GLN C 72 -11.19 4.70 -15.20
N GLN C 73 -12.01 3.96 -15.96
CA GLN C 73 -12.92 4.61 -16.90
C GLN C 73 -13.90 5.44 -16.09
N VAL C 74 -14.41 4.86 -15.01
CA VAL C 74 -15.34 5.58 -14.15
C VAL C 74 -14.60 6.78 -13.54
N GLY C 75 -13.35 6.55 -13.14
CA GLY C 75 -12.56 7.60 -12.56
C GLY C 75 -12.45 8.79 -13.50
N ALA C 76 -12.06 8.51 -14.74
CA ALA C 76 -11.93 9.55 -15.75
C ALA C 76 -13.23 10.33 -15.89
N LEU C 77 -14.35 9.62 -15.99
CA LEU C 77 -15.66 10.26 -16.13
C LEU C 77 -15.94 11.23 -14.99
N ILE C 78 -15.62 10.82 -13.78
CA ILE C 78 -15.83 11.68 -12.62
C ILE C 78 -15.03 12.98 -12.75
N SER C 79 -13.73 12.86 -13.01
CA SER C 79 -12.88 14.04 -13.13
C SER C 79 -13.36 14.95 -14.26
N GLU C 80 -13.98 14.34 -15.27
CA GLU C 80 -14.49 15.10 -16.40
C GLU C 80 -15.86 15.69 -16.07
N GLY C 81 -16.37 15.36 -14.89
CA GLY C 81 -17.65 15.88 -14.46
C GLY C 81 -18.85 15.22 -15.12
N LYS C 82 -18.68 14.01 -15.62
CA LYS C 82 -19.78 13.30 -16.27
C LYS C 82 -20.49 12.31 -15.33
N ILE C 83 -19.92 12.10 -14.16
CA ILE C 83 -20.52 11.24 -13.15
C ILE C 83 -20.81 12.14 -11.95
N ASP C 84 -22.03 12.05 -11.43
CA ASP C 84 -22.46 12.89 -10.31
C ASP C 84 -22.57 12.14 -9.00
N VAL C 85 -22.84 10.84 -9.09
CA VAL C 85 -22.97 10.03 -7.91
C VAL C 85 -22.29 8.69 -8.12
N LEU C 86 -21.58 8.24 -7.10
CA LEU C 86 -20.88 6.97 -7.16
C LEU C 86 -21.33 6.08 -6.03
N ILE C 87 -21.83 4.90 -6.39
CA ILE C 87 -22.27 3.90 -5.41
C ILE C 87 -21.25 2.79 -5.65
N PHE C 88 -20.29 2.67 -4.74
CA PHE C 88 -19.26 1.66 -4.90
C PHE C 88 -19.17 0.74 -3.69
N PHE C 89 -19.75 -0.46 -3.82
CA PHE C 89 -19.70 -1.43 -2.73
C PHE C 89 -18.49 -2.31 -2.91
N TRP C 90 -17.35 -1.87 -2.39
CA TRP C 90 -16.14 -2.67 -2.50
C TRP C 90 -16.08 -3.63 -1.32
N ASP C 91 -15.42 -4.75 -1.53
CA ASP C 91 -15.31 -5.80 -0.53
C ASP C 91 -14.28 -5.43 0.54
N PRO C 92 -14.76 -5.11 1.75
CA PRO C 92 -13.86 -4.74 2.85
C PRO C 92 -13.30 -5.95 3.57
N LEU C 93 -13.63 -7.14 3.10
CA LEU C 93 -13.17 -8.36 3.74
C LEU C 93 -12.40 -9.32 2.84
N ASN C 94 -12.04 -8.87 1.64
CA ASN C 94 -11.30 -9.73 0.73
C ASN C 94 -10.38 -8.92 -0.16
N ALA C 95 -9.11 -9.32 -0.22
CA ALA C 95 -8.13 -8.61 -1.04
C ALA C 95 -8.45 -8.83 -2.51
N VAL C 96 -8.42 -7.75 -3.27
CA VAL C 96 -8.70 -7.81 -4.70
C VAL C 96 -7.45 -7.36 -5.47
N PRO C 97 -7.28 -7.87 -6.70
CA PRO C 97 -6.14 -7.53 -7.56
C PRO C 97 -6.10 -6.06 -8.02
N ASN C 98 -7.28 -5.46 -8.22
CA ASN C 98 -7.36 -4.07 -8.65
C ASN C 98 -7.48 -3.14 -7.44
N ASP C 99 -6.76 -3.47 -6.37
CA ASP C 99 -6.78 -2.68 -5.14
C ASP C 99 -6.38 -1.22 -5.38
N PRO C 100 -5.27 -0.98 -6.10
CA PRO C 100 -4.88 0.41 -6.34
C PRO C 100 -5.94 1.18 -7.11
N ASP C 101 -6.57 0.52 -8.08
CA ASP C 101 -7.62 1.12 -8.88
C ASP C 101 -8.77 1.53 -7.97
N VAL C 102 -9.11 0.66 -7.04
CA VAL C 102 -10.20 0.92 -6.10
C VAL C 102 -9.89 2.17 -5.29
N LYS C 103 -8.68 2.23 -4.74
CA LYS C 103 -8.26 3.38 -3.93
C LYS C 103 -8.14 4.65 -4.75
N ALA C 104 -7.67 4.52 -5.99
CA ALA C 104 -7.51 5.68 -6.86
C ALA C 104 -8.88 6.26 -7.23
N LEU C 105 -9.87 5.40 -7.41
CA LEU C 105 -11.20 5.85 -7.77
C LEU C 105 -11.87 6.55 -6.59
N LEU C 106 -11.68 5.99 -5.40
CA LEU C 106 -12.24 6.59 -4.20
C LEU C 106 -11.56 7.92 -3.92
N ARG C 107 -10.27 8.00 -4.23
CA ARG C 107 -9.52 9.23 -4.03
C ARG C 107 -10.12 10.34 -4.91
N LEU C 108 -10.36 10.02 -6.18
CA LEU C 108 -10.91 10.98 -7.11
C LEU C 108 -12.31 11.44 -6.74
N ALA C 109 -13.15 10.52 -6.26
CA ALA C 109 -14.50 10.89 -5.88
C ALA C 109 -14.44 11.88 -4.73
N THR C 110 -13.42 11.73 -3.89
CA THR C 110 -13.25 12.63 -2.77
C THR C 110 -12.79 13.98 -3.27
N VAL C 111 -11.79 13.97 -4.14
CA VAL C 111 -11.25 15.20 -4.73
C VAL C 111 -12.32 16.04 -5.44
N TRP C 112 -13.11 15.41 -6.30
CA TRP C 112 -14.13 16.13 -7.04
C TRP C 112 -15.42 16.40 -6.28
N ASN C 113 -15.43 16.01 -5.02
CA ASN C 113 -16.54 16.26 -4.12
C ASN C 113 -17.92 15.84 -4.59
N ILE C 114 -18.07 14.59 -5.00
CA ILE C 114 -19.38 14.11 -5.42
C ILE C 114 -19.88 13.14 -4.35
N PRO C 115 -21.20 12.96 -4.26
CA PRO C 115 -21.79 12.06 -3.27
C PRO C 115 -21.28 10.66 -3.56
N VAL C 116 -20.76 10.00 -2.54
CA VAL C 116 -20.23 8.65 -2.68
C VAL C 116 -20.73 7.74 -1.56
N ALA C 117 -21.15 6.54 -1.92
CA ALA C 117 -21.62 5.57 -0.93
C ALA C 117 -20.82 4.28 -1.10
N THR C 118 -20.29 3.76 0.00
CA THR C 118 -19.52 2.53 -0.05
C THR C 118 -20.21 1.38 0.68
N ASN C 119 -21.40 1.63 1.20
CA ASN C 119 -22.21 0.61 1.88
C ASN C 119 -23.69 0.97 1.75
N VAL C 120 -24.55 0.02 2.11
CA VAL C 120 -25.99 0.19 2.03
C VAL C 120 -26.53 1.35 2.86
N ALA C 121 -26.11 1.41 4.13
CA ALA C 121 -26.55 2.47 5.01
C ALA C 121 -26.33 3.84 4.37
N THR C 122 -25.12 4.08 3.84
CA THR C 122 -24.85 5.36 3.21
C THR C 122 -25.64 5.55 1.93
N ALA C 123 -25.77 4.46 1.18
CA ALA C 123 -26.50 4.48 -0.07
C ALA C 123 -27.95 4.90 0.17
N ASP C 124 -28.56 4.41 1.25
CA ASP C 124 -29.94 4.75 1.56
C ASP C 124 -30.10 6.22 1.97
N PHE C 125 -29.17 6.73 2.78
CA PHE C 125 -29.25 8.13 3.21
C PHE C 125 -29.09 9.09 2.05
N ILE C 126 -28.22 8.73 1.12
CA ILE C 126 -27.98 9.58 -0.03
C ILE C 126 -29.16 9.62 -0.97
N ILE C 127 -29.68 8.44 -1.31
CA ILE C 127 -30.80 8.38 -2.24
C ILE C 127 -32.12 8.98 -1.75
N GLN C 128 -32.35 8.99 -0.43
CA GLN C 128 -33.58 9.57 0.12
C GLN C 128 -33.43 11.06 0.39
N SER C 129 -32.19 11.55 0.37
CA SER C 129 -31.92 12.96 0.61
C SER C 129 -32.71 13.83 -0.38
N PRO C 130 -33.36 14.88 0.12
CA PRO C 130 -34.17 15.80 -0.68
C PRO C 130 -33.61 16.29 -2.02
N HIS C 131 -32.34 16.69 -2.03
CA HIS C 131 -31.76 17.20 -3.26
C HIS C 131 -31.19 16.16 -4.18
N PHE C 132 -31.65 14.91 -4.04
CA PHE C 132 -31.14 13.88 -4.93
C PHE C 132 -31.75 14.05 -6.33
N ASN C 133 -32.91 14.71 -6.37
CA ASN C 133 -33.60 14.94 -7.63
C ASN C 133 -33.59 16.41 -8.02
N ASP C 134 -32.99 17.24 -7.17
CA ASP C 134 -32.89 18.68 -7.43
C ASP C 134 -31.50 18.98 -7.98
N ALA C 135 -31.35 20.17 -8.54
CA ALA C 135 -30.06 20.62 -9.05
C ALA C 135 -29.32 21.20 -7.86
N VAL C 136 -28.14 20.67 -7.57
CA VAL C 136 -27.38 21.18 -6.43
C VAL C 136 -25.98 21.63 -6.80
N ASP C 137 -25.55 22.72 -6.19
CA ASP C 137 -24.23 23.28 -6.44
C ASP C 137 -23.24 22.68 -5.45
N ILE C 138 -22.06 22.32 -5.96
CA ILE C 138 -21.04 21.77 -5.10
C ILE C 138 -19.71 22.49 -5.34
N LEU C 139 -18.90 22.58 -4.30
CA LEU C 139 -17.60 23.21 -4.43
C LEU C 139 -16.67 22.17 -5.03
N ILE C 140 -15.94 22.57 -6.05
CA ILE C 140 -14.99 21.68 -6.69
C ILE C 140 -13.69 22.44 -6.88
N PRO C 141 -12.57 21.72 -7.01
CA PRO C 141 -11.31 22.43 -7.20
C PRO C 141 -11.31 23.17 -8.53
N ASP C 142 -10.83 24.41 -8.53
CA ASP C 142 -10.78 25.19 -9.75
C ASP C 142 -9.56 24.73 -10.53
N TYR C 143 -9.77 23.84 -11.49
CA TYR C 143 -8.67 23.29 -12.28
C TYR C 143 -7.93 24.33 -13.10
N GLN C 144 -8.65 25.26 -13.69
CA GLN C 144 -8.04 26.30 -14.52
C GLN C 144 -6.92 27.03 -13.77
N ARG C 145 -7.21 27.46 -12.56
CA ARG C 145 -6.24 28.18 -11.74
C ARG C 145 -5.13 27.23 -11.26
N TYR C 146 -5.51 26.00 -10.93
CA TYR C 146 -4.57 25.01 -10.47
C TYR C 146 -3.54 24.70 -11.55
N LEU C 147 -3.99 24.60 -12.79
CA LEU C 147 -3.10 24.31 -13.91
C LEU C 147 -2.17 25.51 -14.12
N ALA C 148 -2.76 26.70 -14.21
CA ALA C 148 -1.99 27.94 -14.42
C ALA C 148 -0.84 28.10 -13.42
N ASP C 149 -1.07 27.72 -12.17
CA ASP C 149 -0.02 27.82 -11.17
C ASP C 149 1.13 26.89 -11.51
N ARG C 150 0.77 25.65 -11.86
CA ARG C 150 1.73 24.62 -12.22
C ARG C 150 2.65 25.08 -13.35
N LEU C 151 2.11 25.89 -14.26
CA LEU C 151 2.88 26.39 -15.40
C LEU C 151 3.49 27.79 -15.24
N LYS C 152 3.56 28.29 -14.01
CA LYS C 152 4.14 29.61 -13.76
C LYS C 152 5.61 29.65 -14.15
N MET D 1 -6.12 -17.39 -18.87
CA MET D 1 -7.39 -17.02 -19.55
C MET D 1 -7.22 -17.00 -21.07
N GLU D 2 -8.25 -16.57 -21.78
CA GLU D 2 -8.19 -16.52 -23.24
C GLU D 2 -7.58 -15.22 -23.76
N LEU D 3 -6.57 -15.36 -24.61
CA LEU D 3 -5.92 -14.21 -25.19
C LEU D 3 -6.25 -14.10 -26.67
N THR D 4 -6.37 -12.87 -27.14
CA THR D 4 -6.65 -12.62 -28.54
C THR D 4 -5.49 -11.75 -29.02
N THR D 5 -5.64 -11.05 -30.13
CA THR D 5 -4.54 -10.22 -30.59
C THR D 5 -5.04 -8.88 -31.08
N ARG D 6 -4.13 -7.93 -31.11
CA ARG D 6 -4.41 -6.58 -31.57
C ARG D 6 -3.15 -6.11 -32.28
N THR D 7 -3.31 -5.19 -33.21
CA THR D 7 -2.18 -4.68 -33.94
C THR D 7 -1.93 -3.21 -33.66
N LEU D 8 -0.76 -2.89 -33.12
CA LEU D 8 -0.45 -1.49 -32.86
C LEU D 8 -0.18 -0.90 -34.23
N PRO D 9 -0.77 0.26 -34.53
CA PRO D 9 -0.52 0.85 -35.85
C PRO D 9 0.93 1.33 -35.98
N ALA D 10 1.40 1.45 -37.21
CA ALA D 10 2.77 1.91 -37.45
C ALA D 10 2.94 3.27 -36.78
N ARG D 11 1.89 4.10 -36.87
CA ARG D 11 1.89 5.43 -36.27
C ARG D 11 1.31 5.24 -34.87
N LYS D 12 2.20 5.18 -33.88
CA LYS D 12 1.80 4.93 -32.50
C LYS D 12 1.17 6.11 -31.76
N HIS D 13 0.30 5.76 -30.81
CA HIS D 13 -0.34 6.76 -29.97
C HIS D 13 0.47 6.63 -28.68
N ILE D 14 1.31 7.64 -28.44
CA ILE D 14 2.20 7.66 -27.29
C ILE D 14 1.74 8.53 -26.13
N ALA D 15 1.72 7.94 -24.94
CA ALA D 15 1.33 8.69 -23.76
C ALA D 15 2.61 9.05 -23.00
N LEU D 16 2.75 10.32 -22.65
CA LEU D 16 3.92 10.81 -21.93
C LEU D 16 3.50 11.34 -20.57
N VAL D 17 4.07 10.78 -19.52
CA VAL D 17 3.73 11.21 -18.18
C VAL D 17 4.98 11.26 -17.33
N ALA D 18 5.09 12.30 -16.51
CA ALA D 18 6.24 12.44 -15.63
C ALA D 18 5.91 13.20 -14.35
N HIS D 19 6.49 12.73 -13.25
CA HIS D 19 6.32 13.39 -11.96
C HIS D 19 7.32 14.54 -11.97
N ASP D 20 6.99 15.61 -11.26
CA ASP D 20 7.81 16.81 -11.22
C ASP D 20 9.32 16.64 -11.21
N HIS D 21 9.81 15.73 -10.37
CA HIS D 21 11.24 15.52 -10.29
C HIS D 21 11.81 14.81 -11.51
N CYS D 22 10.93 14.37 -12.40
CA CYS D 22 11.39 13.67 -13.59
C CYS D 22 11.08 14.43 -14.88
N LYS D 23 10.34 15.53 -14.75
CA LYS D 23 9.96 16.32 -15.91
C LYS D 23 11.16 16.78 -16.75
N GLN D 24 12.20 17.29 -16.10
CA GLN D 24 13.36 17.74 -16.83
C GLN D 24 13.98 16.56 -17.60
N MET D 25 13.94 15.39 -16.99
CA MET D 25 14.49 14.19 -17.62
C MET D 25 13.65 13.82 -18.84
N LEU D 26 12.33 13.96 -18.74
CA LEU D 26 11.45 13.62 -19.84
C LEU D 26 11.57 14.63 -20.99
N MET D 27 11.66 15.92 -20.64
CA MET D 27 11.80 16.98 -21.64
C MET D 27 13.06 16.73 -22.47
N SER D 28 14.14 16.45 -21.77
CA SER D 28 15.41 16.19 -22.41
C SER D 28 15.30 15.00 -23.34
N TRP D 29 14.60 13.96 -22.89
CA TRP D 29 14.43 12.76 -23.70
C TRP D 29 13.58 13.07 -24.92
N VAL D 30 12.55 13.86 -24.72
CA VAL D 30 11.65 14.21 -25.82
C VAL D 30 12.34 15.00 -26.91
N GLU D 31 13.03 16.07 -26.54
CA GLU D 31 13.74 16.90 -27.51
C GLU D 31 14.83 16.12 -28.24
N ARG D 32 15.44 15.18 -27.52
CA ARG D 32 16.49 14.35 -28.09
C ARG D 32 15.95 13.43 -29.19
N HIS D 33 14.66 13.16 -29.14
CA HIS D 33 14.04 12.26 -30.12
C HIS D 33 12.89 12.94 -30.87
N GLN D 34 12.82 14.27 -30.76
CA GLN D 34 11.74 15.01 -31.40
C GLN D 34 11.47 14.64 -32.85
N PRO D 35 12.53 14.46 -33.66
CA PRO D 35 12.34 14.11 -35.08
C PRO D 35 11.50 12.85 -35.27
N LEU D 36 11.72 11.85 -34.42
CA LEU D 36 10.95 10.63 -34.52
C LEU D 36 9.55 10.80 -33.93
N LEU D 37 9.47 11.36 -32.73
CA LEU D 37 8.20 11.56 -32.06
C LEU D 37 7.25 12.40 -32.91
N GLU D 38 7.82 13.27 -33.73
CA GLU D 38 7.07 14.17 -34.60
C GLU D 38 6.18 13.40 -35.56
N GLN D 39 6.58 12.17 -35.86
CA GLN D 39 5.84 11.33 -36.80
C GLN D 39 4.75 10.49 -36.11
N HIS D 40 4.60 10.65 -34.81
CA HIS D 40 3.59 9.88 -34.06
C HIS D 40 2.58 10.80 -33.37
N VAL D 41 1.59 10.20 -32.72
CA VAL D 41 0.55 10.96 -32.03
C VAL D 41 0.81 10.99 -30.52
N LEU D 42 1.02 12.19 -29.99
CA LEU D 42 1.33 12.35 -28.57
C LEU D 42 0.19 12.77 -27.65
N TYR D 43 0.17 12.14 -26.47
CA TYR D 43 -0.82 12.41 -25.42
C TYR D 43 -0.03 12.61 -24.13
N ALA D 44 -0.63 13.28 -23.15
CA ALA D 44 0.06 13.51 -21.90
C ALA D 44 -0.86 14.07 -20.82
N THR D 45 -0.39 14.02 -19.58
CA THR D 45 -1.16 14.56 -18.47
C THR D 45 -0.98 16.08 -18.53
N GLY D 46 -1.91 16.80 -17.92
CA GLY D 46 -1.88 18.25 -17.92
C GLY D 46 -0.56 18.99 -17.98
N THR D 47 0.14 19.03 -16.84
CA THR D 47 1.41 19.75 -16.75
C THR D 47 2.44 19.30 -17.77
N THR D 48 2.70 18.01 -17.79
CA THR D 48 3.67 17.42 -18.71
C THR D 48 3.38 17.81 -20.15
N GLY D 49 2.12 17.67 -20.55
CA GLY D 49 1.71 17.99 -21.91
C GLY D 49 1.99 19.44 -22.29
N ASN D 50 1.48 20.36 -21.48
CA ASN D 50 1.67 21.78 -21.74
C ASN D 50 3.12 22.16 -21.78
N LEU D 51 3.91 21.61 -20.86
CA LEU D 51 5.34 21.92 -20.84
C LEU D 51 6.01 21.48 -22.13
N ILE D 52 5.63 20.30 -22.64
CA ILE D 52 6.22 19.78 -23.86
C ILE D 52 5.88 20.58 -25.10
N SER D 53 4.58 20.69 -25.40
CA SER D 53 4.14 21.43 -26.57
C SER D 53 4.74 22.83 -26.46
N ARG D 54 4.62 23.42 -25.28
CA ARG D 54 5.17 24.74 -25.05
C ARG D 54 6.67 24.54 -24.81
N ALA D 55 7.42 24.27 -25.87
CA ALA D 55 8.86 24.05 -25.78
C ALA D 55 9.38 23.41 -27.05
N THR D 56 8.53 22.62 -27.70
CA THR D 56 8.89 21.94 -28.93
C THR D 56 7.92 22.31 -30.04
N GLY D 57 6.78 22.88 -29.64
CA GLY D 57 5.78 23.25 -30.62
C GLY D 57 5.10 22.05 -31.25
N MET D 58 5.27 20.87 -30.66
CA MET D 58 4.62 19.67 -31.17
C MET D 58 3.18 19.61 -30.66
N ASN D 59 2.30 18.95 -31.41
CA ASN D 59 0.92 18.83 -30.99
C ASN D 59 0.85 17.76 -29.89
N VAL D 60 0.22 18.13 -28.78
CA VAL D 60 0.08 17.19 -27.67
C VAL D 60 -1.34 17.22 -27.15
N ASN D 61 -2.00 16.07 -27.16
CA ASN D 61 -3.36 15.99 -26.64
C ASN D 61 -3.20 15.91 -25.13
N ALA D 62 -3.28 17.06 -24.45
CA ALA D 62 -3.11 17.09 -23.00
C ALA D 62 -4.38 16.72 -22.27
N MET D 63 -4.22 15.92 -21.23
CA MET D 63 -5.32 15.46 -20.38
C MET D 63 -5.24 16.32 -19.13
N LEU D 64 -5.94 15.90 -18.08
CA LEU D 64 -5.90 16.62 -16.82
C LEU D 64 -4.60 16.27 -16.10
N SER D 65 -4.26 17.06 -15.10
CA SER D 65 -3.07 16.81 -14.31
C SER D 65 -3.27 15.46 -13.61
N GLY D 66 -2.18 14.73 -13.39
CA GLY D 66 -2.29 13.43 -12.74
C GLY D 66 -3.12 13.39 -11.48
N PRO D 67 -2.81 14.21 -10.46
CA PRO D 67 -3.53 14.26 -9.19
C PRO D 67 -5.02 14.57 -9.35
N MET D 68 -5.37 15.22 -10.45
CA MET D 68 -6.75 15.59 -10.71
C MET D 68 -7.53 14.58 -11.56
N GLY D 69 -6.90 13.45 -11.91
CA GLY D 69 -7.59 12.44 -12.69
C GLY D 69 -6.93 12.03 -13.99
N GLY D 70 -5.89 12.76 -14.40
CA GLY D 70 -5.21 12.45 -15.64
C GLY D 70 -4.59 11.07 -15.74
N ASP D 71 -4.14 10.51 -14.63
CA ASP D 71 -3.53 9.19 -14.63
C ASP D 71 -4.57 8.16 -15.05
N GLN D 72 -5.80 8.34 -14.59
CA GLN D 72 -6.87 7.42 -14.91
C GLN D 72 -7.43 7.64 -16.29
N GLN D 73 -7.32 8.87 -16.79
CA GLN D 73 -7.79 9.17 -18.13
C GLN D 73 -6.90 8.36 -19.06
N VAL D 74 -5.60 8.41 -18.82
CA VAL D 74 -4.66 7.67 -19.64
C VAL D 74 -4.93 6.17 -19.50
N GLY D 75 -5.09 5.73 -18.26
CA GLY D 75 -5.37 4.32 -18.03
C GLY D 75 -6.61 3.86 -18.78
N ALA D 76 -7.62 4.73 -18.85
CA ALA D 76 -8.85 4.40 -19.54
C ALA D 76 -8.62 4.23 -21.04
N LEU D 77 -7.85 5.13 -21.64
CA LEU D 77 -7.56 5.05 -23.06
C LEU D 77 -6.77 3.80 -23.40
N ILE D 78 -5.86 3.41 -22.51
CA ILE D 78 -5.05 2.21 -22.74
C ILE D 78 -5.96 0.99 -22.79
N SER D 79 -6.87 0.91 -21.83
CA SER D 79 -7.79 -0.21 -21.76
C SER D 79 -8.73 -0.19 -22.94
N GLU D 80 -8.93 0.98 -23.53
CA GLU D 80 -9.81 1.11 -24.69
C GLU D 80 -9.09 0.85 -26.01
N GLY D 81 -7.80 0.57 -25.94
CA GLY D 81 -7.01 0.32 -27.14
C GLY D 81 -6.58 1.58 -27.89
N LYS D 82 -6.73 2.74 -27.26
CA LYS D 82 -6.36 4.01 -27.87
C LYS D 82 -4.91 4.46 -27.64
N ILE D 83 -4.24 3.91 -26.63
CA ILE D 83 -2.84 4.28 -26.38
C ILE D 83 -1.98 3.06 -26.67
N ASP D 84 -0.93 3.25 -27.47
CA ASP D 84 -0.07 2.14 -27.85
C ASP D 84 1.23 2.03 -27.07
N VAL D 85 1.74 3.15 -26.58
CA VAL D 85 2.98 3.18 -25.83
C VAL D 85 2.85 4.12 -24.64
N LEU D 86 3.44 3.73 -23.52
CA LEU D 86 3.41 4.55 -22.32
C LEU D 86 4.79 4.86 -21.78
N ILE D 87 5.10 6.14 -21.65
CA ILE D 87 6.38 6.58 -21.09
C ILE D 87 5.98 7.26 -19.79
N PHE D 88 6.24 6.60 -18.68
CA PHE D 88 5.87 7.13 -17.38
C PHE D 88 7.08 7.26 -16.47
N PHE D 89 7.66 8.44 -16.43
CA PHE D 89 8.82 8.67 -15.55
C PHE D 89 8.31 9.07 -14.18
N TRP D 90 8.02 8.09 -13.33
CA TRP D 90 7.54 8.39 -11.99
C TRP D 90 8.74 8.51 -11.05
N ASP D 91 8.61 9.36 -10.04
CA ASP D 91 9.68 9.60 -9.08
C ASP D 91 9.86 8.41 -8.14
N PRO D 92 11.01 7.73 -8.23
CA PRO D 92 11.26 6.58 -7.36
C PRO D 92 11.86 6.97 -6.01
N LEU D 93 12.23 8.25 -5.87
CA LEU D 93 12.82 8.73 -4.63
C LEU D 93 11.96 9.74 -3.87
N ASN D 94 10.67 9.83 -4.20
CA ASN D 94 9.77 10.75 -3.53
C ASN D 94 8.32 10.27 -3.69
N ALA D 95 7.67 9.97 -2.56
CA ALA D 95 6.30 9.48 -2.55
C ALA D 95 5.26 10.52 -2.97
N VAL D 96 4.34 10.13 -3.84
CA VAL D 96 3.31 11.06 -4.32
C VAL D 96 1.91 10.70 -3.81
N PRO D 97 1.07 11.72 -3.57
CA PRO D 97 -0.31 11.56 -3.08
C PRO D 97 -1.16 10.64 -3.96
N ASN D 98 -1.01 10.78 -5.27
CA ASN D 98 -1.76 9.97 -6.22
C ASN D 98 -1.03 8.64 -6.50
N ASP D 99 -0.34 8.11 -5.48
CA ASP D 99 0.39 6.86 -5.64
C ASP D 99 -0.49 5.70 -6.11
N PRO D 100 -1.71 5.56 -5.55
CA PRO D 100 -2.57 4.47 -6.01
C PRO D 100 -2.87 4.64 -7.50
N ASP D 101 -3.11 5.87 -7.91
CA ASP D 101 -3.38 6.18 -9.30
C ASP D 101 -2.18 5.73 -10.15
N VAL D 102 -0.99 6.00 -9.65
CA VAL D 102 0.25 5.63 -10.33
C VAL D 102 0.34 4.12 -10.52
N LYS D 103 0.15 3.36 -9.45
CA LYS D 103 0.21 1.90 -9.52
C LYS D 103 -0.87 1.31 -10.41
N ALA D 104 -2.07 1.88 -10.34
CA ALA D 104 -3.20 1.41 -11.13
C ALA D 104 -2.91 1.56 -12.62
N LEU D 105 -2.32 2.69 -13.00
CA LEU D 105 -1.99 2.95 -14.39
C LEU D 105 -0.97 1.92 -14.87
N LEU D 106 0.06 1.69 -14.06
CA LEU D 106 1.07 0.73 -14.42
C LEU D 106 0.48 -0.66 -14.50
N ARG D 107 -0.46 -0.97 -13.61
CA ARG D 107 -1.09 -2.28 -13.62
C ARG D 107 -1.85 -2.49 -14.93
N LEU D 108 -2.63 -1.49 -15.35
CA LEU D 108 -3.38 -1.60 -16.59
C LEU D 108 -2.48 -1.73 -17.81
N ALA D 109 -1.39 -0.97 -17.81
CA ALA D 109 -0.45 -1.02 -18.93
C ALA D 109 0.14 -2.42 -19.03
N THR D 110 0.20 -3.12 -17.89
CA THR D 110 0.75 -4.47 -17.85
C THR D 110 -0.28 -5.45 -18.39
N VAL D 111 -1.52 -5.32 -17.91
CA VAL D 111 -2.60 -6.18 -18.34
C VAL D 111 -2.81 -6.09 -19.85
N TRP D 112 -2.84 -4.88 -20.38
CA TRP D 112 -3.09 -4.72 -21.81
C TRP D 112 -1.88 -4.90 -22.70
N ASN D 113 -0.79 -5.37 -22.11
CA ASN D 113 0.44 -5.67 -22.83
C ASN D 113 0.94 -4.66 -23.87
N ILE D 114 1.16 -3.43 -23.44
CA ILE D 114 1.69 -2.43 -24.35
C ILE D 114 3.09 -2.11 -23.88
N PRO D 115 3.95 -1.61 -24.78
CA PRO D 115 5.33 -1.26 -24.44
C PRO D 115 5.28 -0.20 -23.34
N VAL D 116 6.05 -0.41 -22.28
CA VAL D 116 6.05 0.52 -21.16
C VAL D 116 7.45 0.89 -20.69
N ALA D 117 7.74 2.18 -20.61
CA ALA D 117 9.05 2.62 -20.15
C ALA D 117 8.89 3.47 -18.90
N THR D 118 9.62 3.11 -17.83
CA THR D 118 9.56 3.87 -16.59
C THR D 118 10.86 4.61 -16.30
N ASN D 119 11.85 4.42 -17.17
CA ASN D 119 13.12 5.13 -17.05
C ASN D 119 13.66 5.42 -18.44
N VAL D 120 14.68 6.26 -18.52
CA VAL D 120 15.27 6.66 -19.78
C VAL D 120 15.85 5.51 -20.62
N ALA D 121 16.54 4.59 -19.96
CA ALA D 121 17.14 3.45 -20.64
C ALA D 121 16.09 2.58 -21.34
N THR D 122 14.97 2.34 -20.65
CA THR D 122 13.91 1.53 -21.24
C THR D 122 13.25 2.31 -22.39
N ALA D 123 13.07 3.60 -22.18
CA ALA D 123 12.46 4.44 -23.20
C ALA D 123 13.32 4.49 -24.46
N ASP D 124 14.63 4.58 -24.28
CA ASP D 124 15.54 4.60 -25.44
C ASP D 124 15.55 3.27 -26.17
N PHE D 125 15.55 2.16 -25.43
CA PHE D 125 15.55 0.85 -26.07
C PHE D 125 14.29 0.62 -26.91
N ILE D 126 13.16 1.08 -26.40
CA ILE D 126 11.89 0.93 -27.09
C ILE D 126 11.85 1.81 -28.34
N ILE D 127 12.14 3.09 -28.18
CA ILE D 127 12.10 4.02 -29.29
C ILE D 127 13.17 3.75 -30.36
N GLN D 128 14.22 3.04 -29.98
CA GLN D 128 15.30 2.71 -30.90
C GLN D 128 15.04 1.33 -31.49
N SER D 129 13.95 0.71 -31.06
CA SER D 129 13.60 -0.61 -31.56
C SER D 129 13.08 -0.47 -32.99
N PRO D 130 13.49 -1.39 -33.88
CA PRO D 130 13.07 -1.37 -35.29
C PRO D 130 11.57 -1.34 -35.55
N HIS D 131 10.83 -2.18 -34.86
CA HIS D 131 9.39 -2.23 -35.09
C HIS D 131 8.63 -1.13 -34.41
N PHE D 132 9.33 -0.12 -33.92
CA PHE D 132 8.65 0.97 -33.26
C PHE D 132 7.88 1.76 -34.31
N ASN D 133 8.31 1.65 -35.56
CA ASN D 133 7.65 2.36 -36.65
C ASN D 133 6.84 1.42 -37.54
N ASP D 134 6.71 0.16 -37.14
CA ASP D 134 5.94 -0.79 -37.92
C ASP D 134 4.66 -1.20 -37.21
N ALA D 135 3.77 -1.81 -37.96
CA ALA D 135 2.52 -2.31 -37.40
C ALA D 135 2.98 -3.57 -36.70
N VAL D 136 2.63 -3.73 -35.43
CA VAL D 136 3.04 -4.92 -34.72
C VAL D 136 1.92 -5.53 -33.89
N ASP D 137 1.81 -6.85 -33.99
CA ASP D 137 0.80 -7.61 -33.27
C ASP D 137 1.24 -7.93 -31.85
N ILE D 138 0.33 -7.72 -30.91
CA ILE D 138 0.60 -8.02 -29.51
C ILE D 138 -0.54 -8.86 -29.00
N LEU D 139 -0.26 -9.72 -28.03
CA LEU D 139 -1.30 -10.56 -27.46
C LEU D 139 -1.97 -9.80 -26.32
N ILE D 140 -3.30 -9.79 -26.33
CA ILE D 140 -4.06 -9.12 -25.28
C ILE D 140 -5.19 -10.03 -24.80
N PRO D 141 -5.68 -9.81 -23.57
CA PRO D 141 -6.77 -10.64 -23.06
C PRO D 141 -7.99 -10.55 -23.95
N ASP D 142 -8.63 -11.69 -24.20
CA ASP D 142 -9.84 -11.71 -25.02
C ASP D 142 -10.94 -11.22 -24.07
N TYR D 143 -11.24 -9.93 -24.12
CA TYR D 143 -12.24 -9.36 -23.22
C TYR D 143 -13.61 -9.99 -23.38
N GLN D 144 -14.04 -10.18 -24.63
CA GLN D 144 -15.34 -10.77 -24.91
C GLN D 144 -15.51 -12.09 -24.17
N ARG D 145 -14.59 -13.02 -24.38
CA ARG D 145 -14.67 -14.30 -23.70
C ARG D 145 -14.60 -14.11 -22.19
N TYR D 146 -13.70 -13.24 -21.75
CA TYR D 146 -13.54 -12.97 -20.33
C TYR D 146 -14.89 -12.64 -19.71
N LEU D 147 -15.55 -11.63 -20.25
CA LEU D 147 -16.85 -11.19 -19.76
C LEU D 147 -17.90 -12.28 -19.89
N ALA D 148 -17.78 -13.08 -20.95
CA ALA D 148 -18.74 -14.18 -21.18
C ALA D 148 -18.78 -15.13 -19.99
N ASP D 149 -17.61 -15.57 -19.54
CA ASP D 149 -17.52 -16.48 -18.40
C ASP D 149 -18.11 -15.87 -17.15
N ARG D 150 -17.85 -14.57 -16.95
CA ARG D 150 -18.34 -13.84 -15.79
C ARG D 150 -19.86 -13.92 -15.67
N LEU D 151 -20.53 -14.00 -16.82
CA LEU D 151 -21.99 -14.05 -16.86
C LEU D 151 -22.56 -15.44 -17.15
N LYS D 152 -21.69 -16.46 -17.16
CA LYS D 152 -22.13 -17.83 -17.44
C LYS D 152 -23.22 -18.27 -16.46
N MET E 1 19.91 15.28 -8.03
CA MET E 1 21.10 14.42 -7.77
C MET E 1 22.02 14.36 -9.00
N GLU E 2 23.31 14.47 -8.76
CA GLU E 2 24.30 14.42 -9.83
C GLU E 2 24.32 13.02 -10.43
N LEU E 3 24.60 12.94 -11.73
CA LEU E 3 24.63 11.66 -12.43
C LEU E 3 26.01 11.37 -13.03
N THR E 4 26.26 10.09 -13.30
CA THR E 4 27.49 9.66 -13.90
C THR E 4 27.10 8.58 -14.91
N THR E 5 28.07 7.95 -15.55
CA THR E 5 27.73 6.92 -16.52
C THR E 5 28.24 5.53 -16.16
N ARG E 6 27.60 4.54 -16.77
CA ARG E 6 27.96 3.14 -16.57
C ARG E 6 27.75 2.48 -17.93
N THR E 7 28.61 1.53 -18.27
CA THR E 7 28.49 0.84 -19.54
C THR E 7 27.83 -0.53 -19.40
N LEU E 8 26.77 -0.75 -20.18
CA LEU E 8 26.13 -2.06 -20.15
C LEU E 8 26.91 -2.83 -21.20
N PRO E 9 27.52 -3.96 -20.83
CA PRO E 9 28.31 -4.76 -21.76
C PRO E 9 27.50 -5.41 -22.89
N ALA E 10 28.20 -5.91 -23.89
CA ALA E 10 27.54 -6.58 -25.01
C ALA E 10 26.80 -7.80 -24.45
N ARG E 11 27.49 -8.60 -23.64
CA ARG E 11 26.89 -9.78 -23.00
C ARG E 11 26.19 -9.24 -21.77
N LYS E 12 24.87 -9.22 -21.82
CA LYS E 12 24.10 -8.69 -20.72
C LYS E 12 23.89 -9.69 -19.60
N HIS E 13 23.74 -9.16 -18.39
CA HIS E 13 23.46 -9.99 -17.22
C HIS E 13 21.97 -9.74 -17.08
N ILE E 14 21.19 -10.74 -17.43
CA ILE E 14 19.74 -10.58 -17.40
C ILE E 14 19.05 -11.32 -16.27
N ALA E 15 18.17 -10.62 -15.56
CA ALA E 15 17.42 -11.22 -14.46
C ALA E 15 16.04 -11.58 -14.99
N LEU E 16 15.66 -12.84 -14.82
CA LEU E 16 14.36 -13.31 -15.27
C LEU E 16 13.49 -13.63 -14.07
N VAL E 17 12.32 -13.01 -13.98
CA VAL E 17 11.45 -13.26 -12.84
C VAL E 17 9.98 -13.28 -13.24
N ALA E 18 9.23 -14.22 -12.70
CA ALA E 18 7.81 -14.27 -13.02
C ALA E 18 6.97 -14.88 -11.91
N HIS E 19 5.80 -14.29 -11.71
CA HIS E 19 4.87 -14.81 -10.71
C HIS E 19 4.28 -16.08 -11.29
N ASP E 20 3.71 -16.93 -10.44
CA ASP E 20 3.16 -18.20 -10.91
C ASP E 20 2.21 -18.14 -12.11
N HIS E 21 1.26 -17.22 -12.10
CA HIS E 21 0.32 -17.13 -13.22
C HIS E 21 0.95 -16.58 -14.48
N CYS E 22 2.18 -16.09 -14.37
CA CYS E 22 2.87 -15.55 -15.53
C CYS E 22 4.02 -16.45 -15.97
N LYS E 23 4.27 -17.50 -15.19
CA LYS E 23 5.36 -18.40 -15.51
C LYS E 23 5.28 -19.04 -16.89
N GLN E 24 4.15 -19.63 -17.23
CA GLN E 24 4.06 -20.25 -18.54
C GLN E 24 4.26 -19.20 -19.62
N MET E 25 3.86 -17.97 -19.32
CA MET E 25 4.00 -16.89 -20.28
C MET E 25 5.48 -16.54 -20.48
N LEU E 26 6.23 -16.49 -19.38
CA LEU E 26 7.65 -16.20 -19.46
C LEU E 26 8.39 -17.35 -20.14
N MET E 27 7.96 -18.58 -19.86
CA MET E 27 8.58 -19.77 -20.44
C MET E 27 8.47 -19.76 -21.96
N SER E 28 7.28 -19.44 -22.45
CA SER E 28 7.06 -19.39 -23.89
C SER E 28 8.00 -18.38 -24.52
N TRP E 29 8.06 -17.20 -23.93
CA TRP E 29 8.90 -16.13 -24.44
C TRP E 29 10.37 -16.53 -24.44
N VAL E 30 10.82 -17.15 -23.36
CA VAL E 30 12.21 -17.58 -23.25
C VAL E 30 12.54 -18.65 -24.30
N GLU E 31 11.59 -19.53 -24.55
CA GLU E 31 11.81 -20.60 -25.54
C GLU E 31 11.90 -20.09 -26.98
N ARG E 32 11.10 -19.09 -27.34
CA ARG E 32 11.17 -18.60 -28.70
C ARG E 32 12.31 -17.62 -28.95
N HIS E 33 13.10 -17.34 -27.92
CA HIS E 33 14.23 -16.43 -28.07
C HIS E 33 15.48 -17.09 -27.53
N GLN E 34 15.39 -18.37 -27.23
CA GLN E 34 16.53 -19.10 -26.66
C GLN E 34 17.89 -18.91 -27.37
N PRO E 35 17.92 -19.03 -28.70
CA PRO E 35 19.18 -18.86 -29.43
C PRO E 35 19.90 -17.58 -29.06
N LEU E 36 19.12 -16.51 -28.88
CA LEU E 36 19.68 -15.22 -28.52
C LEU E 36 20.10 -15.18 -27.05
N LEU E 37 19.19 -15.61 -26.17
CA LEU E 37 19.45 -15.61 -24.73
C LEU E 37 20.64 -16.47 -24.33
N GLU E 38 20.89 -17.53 -25.08
CA GLU E 38 22.01 -18.42 -24.79
C GLU E 38 23.33 -17.68 -24.88
N GLN E 39 23.28 -16.48 -25.44
CA GLN E 39 24.49 -15.68 -25.60
C GLN E 39 24.76 -14.72 -24.45
N HIS E 40 23.84 -14.65 -23.49
CA HIS E 40 24.02 -13.74 -22.37
C HIS E 40 24.08 -14.50 -21.05
N VAL E 41 24.21 -13.76 -19.95
CA VAL E 41 24.26 -14.39 -18.63
C VAL E 41 22.89 -14.30 -17.98
N LEU E 42 22.34 -15.44 -17.59
CA LEU E 42 21.02 -15.46 -17.00
C LEU E 42 20.95 -15.65 -15.47
N TYR E 43 20.08 -14.87 -14.83
CA TYR E 43 19.85 -14.94 -13.39
C TYR E 43 18.33 -15.05 -13.21
N ALA E 44 17.90 -15.68 -12.13
CA ALA E 44 16.47 -15.83 -11.90
C ALA E 44 16.14 -16.14 -10.46
N THR E 45 14.89 -15.90 -10.08
CA THR E 45 14.46 -16.24 -8.74
C THR E 45 14.41 -17.77 -8.73
N GLY E 46 14.34 -18.35 -7.54
CA GLY E 46 14.33 -19.80 -7.39
C GLY E 46 13.49 -20.70 -8.27
N THR E 47 12.17 -20.57 -8.21
CA THR E 47 11.28 -21.43 -8.99
C THR E 47 11.45 -21.19 -10.48
N THR E 48 11.34 -19.93 -10.88
CA THR E 48 11.49 -19.53 -12.28
C THR E 48 12.80 -20.09 -12.87
N GLY E 49 13.91 -19.81 -12.20
CA GLY E 49 15.20 -20.28 -12.68
C GLY E 49 15.27 -21.77 -12.95
N ASN E 50 14.79 -22.56 -12.01
CA ASN E 50 14.84 -24.00 -12.16
C ASN E 50 13.93 -24.48 -13.28
N LEU E 51 12.78 -23.84 -13.45
CA LEU E 51 11.88 -24.24 -14.51
C LEU E 51 12.51 -23.97 -15.87
N ILE E 52 13.19 -22.84 -15.99
CA ILE E 52 13.83 -22.50 -17.25
C ILE E 52 14.96 -23.45 -17.62
N SER E 53 15.86 -23.69 -16.67
CA SER E 53 16.97 -24.59 -16.94
C SER E 53 16.44 -25.98 -17.25
N ARG E 54 15.30 -26.32 -16.66
CA ARG E 54 14.70 -27.63 -16.89
C ARG E 54 14.07 -27.73 -18.28
N ALA E 55 13.38 -26.66 -18.69
CA ALA E 55 12.71 -26.63 -19.99
C ALA E 55 13.61 -26.33 -21.19
N THR E 56 14.63 -25.51 -20.99
CA THR E 56 15.51 -25.13 -22.09
C THR E 56 16.91 -25.70 -22.05
N GLY E 57 17.34 -26.13 -20.87
CA GLY E 57 18.68 -26.68 -20.76
C GLY E 57 19.73 -25.59 -20.64
N MET E 58 19.28 -24.33 -20.65
CA MET E 58 20.21 -23.22 -20.53
C MET E 58 20.75 -23.13 -19.11
N ASN E 59 21.87 -22.44 -18.97
CA ASN E 59 22.50 -22.27 -17.68
C ASN E 59 21.97 -21.00 -17.03
N VAL E 60 21.32 -21.17 -15.87
CA VAL E 60 20.74 -20.05 -15.13
C VAL E 60 21.23 -19.99 -13.69
N ASN E 61 21.61 -18.79 -13.25
CA ASN E 61 22.06 -18.58 -11.89
C ASN E 61 20.80 -18.32 -11.07
N ALA E 62 20.30 -19.37 -10.42
CA ALA E 62 19.08 -19.25 -9.62
C ALA E 62 19.38 -18.74 -8.21
N MET E 63 18.61 -17.75 -7.78
CA MET E 63 18.74 -17.19 -6.45
C MET E 63 17.63 -17.86 -5.65
N LEU E 64 17.32 -17.32 -4.47
CA LEU E 64 16.26 -17.87 -3.65
C LEU E 64 14.91 -17.57 -4.31
N SER E 65 13.91 -18.36 -3.94
CA SER E 65 12.56 -18.17 -4.42
C SER E 65 12.18 -16.74 -4.01
N GLY E 66 11.30 -16.10 -4.80
CA GLY E 66 10.90 -14.73 -4.49
C GLY E 66 10.43 -14.47 -3.07
N PRO E 67 9.36 -15.14 -2.63
CA PRO E 67 8.79 -14.98 -1.27
C PRO E 67 9.82 -15.16 -0.16
N MET E 68 10.84 -15.96 -0.45
CA MET E 68 11.89 -16.26 0.51
C MET E 68 13.09 -15.32 0.45
N GLY E 69 13.02 -14.28 -0.38
CA GLY E 69 14.11 -13.34 -0.48
C GLY E 69 14.75 -13.14 -1.85
N GLY E 70 14.35 -13.95 -2.82
CA GLY E 70 14.92 -13.84 -4.16
C GLY E 70 14.77 -12.46 -4.78
N ASP E 71 13.63 -11.84 -4.58
CA ASP E 71 13.37 -10.50 -5.11
C ASP E 71 14.41 -9.50 -4.62
N GLN E 72 14.69 -9.52 -3.32
CA GLN E 72 15.65 -8.59 -2.76
C GLN E 72 17.09 -8.92 -3.15
N GLN E 73 17.33 -10.19 -3.46
CA GLN E 73 18.66 -10.59 -3.90
C GLN E 73 18.91 -9.94 -5.26
N VAL E 74 17.90 -9.99 -6.12
CA VAL E 74 18.01 -9.38 -7.44
C VAL E 74 18.10 -7.87 -7.31
N GLY E 75 17.34 -7.32 -6.38
CA GLY E 75 17.38 -5.89 -6.17
C GLY E 75 18.79 -5.45 -5.80
N ALA E 76 19.42 -6.19 -4.91
CA ALA E 76 20.77 -5.88 -4.44
C ALA E 76 21.78 -5.96 -5.57
N LEU E 77 21.64 -6.98 -6.41
CA LEU E 77 22.52 -7.15 -7.56
C LEU E 77 22.38 -5.93 -8.48
N ILE E 78 21.16 -5.48 -8.66
CA ILE E 78 20.93 -4.32 -9.51
C ILE E 78 21.60 -3.07 -8.94
N SER E 79 21.46 -2.86 -7.63
CA SER E 79 22.06 -1.69 -7.00
C SER E 79 23.58 -1.74 -7.04
N GLU E 80 24.11 -2.95 -7.21
CA GLU E 80 25.54 -3.16 -7.26
C GLU E 80 26.04 -3.14 -8.70
N GLY E 81 25.15 -2.84 -9.64
CA GLY E 81 25.52 -2.80 -11.04
C GLY E 81 25.85 -4.17 -11.60
N LYS E 82 25.29 -5.21 -10.99
CA LYS E 82 25.53 -6.57 -11.42
C LYS E 82 24.50 -7.07 -12.42
N ILE E 83 23.37 -6.38 -12.49
CA ILE E 83 22.29 -6.76 -13.42
C ILE E 83 22.11 -5.64 -14.44
N ASP E 84 21.94 -6.02 -15.71
CA ASP E 84 21.78 -5.03 -16.78
C ASP E 84 20.36 -4.98 -17.34
N VAL E 85 19.66 -6.09 -17.27
CA VAL E 85 18.32 -6.15 -17.80
C VAL E 85 17.39 -6.90 -16.85
N LEU E 86 16.18 -6.40 -16.67
CA LEU E 86 15.25 -7.08 -15.81
C LEU E 86 13.98 -7.42 -16.54
N ILE E 87 13.65 -8.71 -16.55
CA ILE E 87 12.43 -9.17 -17.18
C ILE E 87 11.60 -9.66 -16.01
N PHE E 88 10.60 -8.87 -15.63
CA PHE E 88 9.76 -9.23 -14.51
C PHE E 88 8.28 -9.29 -14.86
N PHE E 89 7.78 -10.50 -15.07
CA PHE E 89 6.37 -10.68 -15.38
C PHE E 89 5.64 -10.91 -14.09
N TRP E 90 5.14 -9.83 -13.50
CA TRP E 90 4.39 -9.94 -12.26
C TRP E 90 2.93 -10.03 -12.65
N ASP E 91 2.15 -10.70 -11.82
CA ASP E 91 0.73 -10.90 -12.08
C ASP E 91 -0.08 -9.64 -11.76
N PRO E 92 -0.66 -9.01 -12.78
CA PRO E 92 -1.46 -7.80 -12.62
C PRO E 92 -2.92 -8.13 -12.30
N LEU E 93 -3.19 -9.41 -12.04
CA LEU E 93 -4.55 -9.85 -11.76
C LEU E 93 -4.71 -10.71 -10.50
N ASN E 94 -3.68 -10.79 -9.67
CA ASN E 94 -3.76 -11.58 -8.43
C ASN E 94 -2.72 -11.08 -7.43
N ALA E 95 -3.19 -10.55 -6.31
CA ALA E 95 -2.31 -10.02 -5.26
C ALA E 95 -1.42 -11.12 -4.66
N VAL E 96 -0.14 -10.78 -4.42
CA VAL E 96 0.82 -11.72 -3.86
C VAL E 96 1.32 -11.26 -2.49
N PRO E 97 1.77 -12.21 -1.65
CA PRO E 97 2.27 -11.87 -0.31
C PRO E 97 3.54 -11.02 -0.33
N ASN E 98 4.38 -11.19 -1.34
CA ASN E 98 5.60 -10.40 -1.44
C ASN E 98 5.41 -9.15 -2.31
N ASP E 99 4.25 -8.53 -2.18
CA ASP E 99 3.93 -7.32 -2.94
C ASP E 99 4.94 -6.19 -2.67
N PRO E 100 5.32 -5.98 -1.39
CA PRO E 100 6.28 -4.91 -1.15
C PRO E 100 7.61 -5.19 -1.85
N ASP E 101 8.03 -6.46 -1.84
CA ASP E 101 9.27 -6.85 -2.50
C ASP E 101 9.19 -6.56 -4.00
N VAL E 102 8.02 -6.81 -4.57
CA VAL E 102 7.81 -6.59 -5.99
C VAL E 102 7.93 -5.12 -6.32
N LYS E 103 7.25 -4.28 -5.53
CA LYS E 103 7.30 -2.84 -5.72
C LYS E 103 8.70 -2.33 -5.45
N ALA E 104 9.36 -2.89 -4.44
CA ALA E 104 10.70 -2.46 -4.11
C ALA E 104 11.66 -2.73 -5.25
N LEU E 105 11.54 -3.92 -5.85
CA LEU E 105 12.40 -4.31 -6.95
C LEU E 105 12.23 -3.38 -8.17
N LEU E 106 10.98 -3.07 -8.50
CA LEU E 106 10.72 -2.20 -9.63
C LEU E 106 11.24 -0.80 -9.32
N ARG E 107 11.09 -0.36 -8.07
CA ARG E 107 11.56 0.97 -7.68
C ARG E 107 13.05 1.07 -7.96
N LEU E 108 13.81 0.08 -7.50
CA LEU E 108 15.26 0.07 -7.70
C LEU E 108 15.66 0.00 -9.17
N ALA E 109 14.90 -0.76 -9.95
CA ALA E 109 15.20 -0.89 -11.37
C ALA E 109 15.00 0.48 -12.04
N THR E 110 14.04 1.24 -11.53
CA THR E 110 13.75 2.57 -12.06
C THR E 110 14.93 3.48 -11.69
N VAL E 111 15.25 3.49 -10.40
CA VAL E 111 16.34 4.29 -9.86
C VAL E 111 17.68 4.09 -10.58
N TRP E 112 18.09 2.84 -10.74
CA TRP E 112 19.38 2.57 -11.38
C TRP E 112 19.38 2.63 -12.89
N ASN E 113 18.24 3.03 -13.44
CA ASN E 113 18.08 3.22 -14.88
C ASN E 113 18.50 2.08 -15.84
N ILE E 114 18.01 0.88 -15.58
CA ILE E 114 18.33 -0.25 -16.46
C ILE E 114 17.06 -0.61 -17.21
N PRO E 115 17.21 -1.23 -18.39
CA PRO E 115 16.04 -1.62 -19.17
C PRO E 115 15.16 -2.59 -18.35
N VAL E 116 13.86 -2.36 -18.35
CA VAL E 116 12.94 -3.19 -17.59
C VAL E 116 11.68 -3.51 -18.37
N ALA E 117 11.31 -4.78 -18.38
CA ALA E 117 10.10 -5.19 -19.09
C ALA E 117 9.17 -5.90 -18.10
N THR E 118 7.93 -5.44 -18.04
CA THR E 118 6.96 -6.04 -17.14
C THR E 118 5.92 -6.85 -17.91
N ASN E 119 6.04 -6.86 -19.24
CA ASN E 119 5.15 -7.64 -20.09
C ASN E 119 5.89 -8.09 -21.33
N VAL E 120 5.26 -8.98 -22.12
CA VAL E 120 5.86 -9.51 -23.33
C VAL E 120 6.17 -8.45 -24.39
N ALA E 121 5.19 -7.60 -24.69
CA ALA E 121 5.38 -6.56 -25.69
C ALA E 121 6.64 -5.72 -25.39
N THR E 122 6.84 -5.39 -24.12
CA THR E 122 8.01 -4.59 -23.76
C THR E 122 9.27 -5.45 -23.88
N ALA E 123 9.15 -6.72 -23.51
CA ALA E 123 10.28 -7.63 -23.59
C ALA E 123 10.73 -7.79 -25.04
N ASP E 124 9.78 -7.94 -25.95
CA ASP E 124 10.14 -8.08 -27.34
C ASP E 124 10.79 -6.81 -27.87
N PHE E 125 10.23 -5.65 -27.51
CA PHE E 125 10.82 -4.40 -27.97
C PHE E 125 12.24 -4.24 -27.50
N ILE E 126 12.51 -4.69 -26.27
CA ILE E 126 13.84 -4.59 -25.71
C ILE E 126 14.87 -5.52 -26.37
N ILE E 127 14.55 -6.80 -26.50
CA ILE E 127 15.50 -7.72 -27.10
C ILE E 127 15.72 -7.53 -28.59
N GLN E 128 14.82 -6.81 -29.25
CA GLN E 128 14.97 -6.55 -30.67
C GLN E 128 15.69 -5.23 -30.91
N SER E 129 15.85 -4.45 -29.85
CA SER E 129 16.52 -3.16 -29.94
C SER E 129 18.01 -3.39 -30.23
N PRO E 130 18.62 -2.53 -31.05
CA PRO E 130 20.04 -2.69 -31.39
C PRO E 130 21.01 -2.85 -30.24
N HIS E 131 20.92 -1.98 -29.24
CA HIS E 131 21.86 -2.07 -28.12
C HIS E 131 21.69 -3.23 -27.17
N PHE E 132 20.78 -4.14 -27.49
CA PHE E 132 20.61 -5.28 -26.62
C PHE E 132 21.82 -6.19 -26.81
N ASN E 133 22.34 -6.25 -28.02
CA ASN E 133 23.49 -7.08 -28.28
C ASN E 133 24.83 -6.35 -28.37
N ASP E 134 24.84 -5.06 -28.02
CA ASP E 134 26.06 -4.26 -28.05
C ASP E 134 26.25 -3.58 -26.71
N ALA E 135 27.45 -3.06 -26.49
CA ALA E 135 27.76 -2.33 -25.28
C ALA E 135 27.19 -0.93 -25.48
N VAL E 136 26.64 -0.33 -24.42
CA VAL E 136 26.08 1.00 -24.50
C VAL E 136 26.17 1.67 -23.14
N ASP E 137 26.34 3.00 -23.13
CA ASP E 137 26.46 3.72 -21.87
C ASP E 137 25.14 4.33 -21.42
N ILE E 138 24.82 4.16 -20.14
CA ILE E 138 23.60 4.72 -19.58
C ILE E 138 23.99 5.69 -18.47
N LEU E 139 23.07 6.59 -18.14
CA LEU E 139 23.32 7.55 -17.06
C LEU E 139 22.73 7.01 -15.76
N ILE E 140 23.56 6.93 -14.73
CA ILE E 140 23.12 6.45 -13.43
C ILE E 140 23.44 7.48 -12.38
N PRO E 141 22.73 7.44 -11.25
CA PRO E 141 23.03 8.44 -10.21
C PRO E 141 24.44 8.25 -9.66
N ASP E 142 25.08 9.36 -9.31
CA ASP E 142 26.42 9.33 -8.75
C ASP E 142 26.22 9.08 -7.26
N TYR E 143 26.38 7.83 -6.83
CA TYR E 143 26.19 7.47 -5.42
C TYR E 143 27.22 8.11 -4.48
N GLN E 144 28.48 8.16 -4.91
CA GLN E 144 29.53 8.74 -4.10
C GLN E 144 29.21 10.18 -3.68
N ARG E 145 28.76 11.00 -4.62
CA ARG E 145 28.42 12.39 -4.32
C ARG E 145 27.10 12.43 -3.55
N TYR E 146 26.19 11.51 -3.86
CA TYR E 146 24.90 11.43 -3.19
C TYR E 146 25.12 11.20 -1.71
N LEU E 147 25.99 10.25 -1.40
CA LEU E 147 26.30 9.90 -0.02
C LEU E 147 27.05 11.04 0.70
N ALA E 148 28.05 11.60 0.03
CA ALA E 148 28.85 12.69 0.61
C ALA E 148 27.98 13.86 1.06
N ASP E 149 26.97 14.21 0.26
CA ASP E 149 26.07 15.32 0.59
C ASP E 149 25.16 14.94 1.76
N ARG E 150 24.97 13.64 1.96
CA ARG E 150 24.13 13.14 3.04
C ARG E 150 24.84 13.25 4.38
N LEU E 151 26.17 13.22 4.34
CA LEU E 151 27.00 13.29 5.54
C LEU E 151 27.48 14.70 5.92
N LYS E 152 27.31 15.67 5.02
CA LYS E 152 27.73 17.04 5.29
C LYS E 152 26.98 17.61 6.50
N MET F 1 -21.51 -13.78 4.32
CA MET F 1 -21.45 -14.24 5.74
C MET F 1 -22.73 -13.91 6.47
N GLU F 2 -22.89 -14.47 7.67
CA GLU F 2 -24.07 -14.24 8.49
C GLU F 2 -24.22 -12.74 8.75
N LEU F 3 -25.46 -12.25 8.64
CA LEU F 3 -25.77 -10.85 8.87
C LEU F 3 -26.95 -10.73 9.81
N THR F 4 -26.85 -9.82 10.78
CA THR F 4 -27.93 -9.60 11.71
C THR F 4 -28.34 -8.13 11.59
N THR F 5 -29.11 -7.63 12.55
CA THR F 5 -29.55 -6.25 12.48
C THR F 5 -29.20 -5.42 13.71
N ARG F 6 -29.05 -4.13 13.51
CA ARG F 6 -28.73 -3.19 14.58
C ARG F 6 -29.55 -1.94 14.30
N THR F 7 -29.98 -1.25 15.36
CA THR F 7 -30.76 -0.04 15.19
C THR F 7 -29.96 1.20 15.53
N LEU F 8 -29.80 2.09 14.55
CA LEU F 8 -29.07 3.33 14.77
C LEU F 8 -30.03 4.26 15.53
N PRO F 9 -29.61 4.74 16.70
CA PRO F 9 -30.47 5.63 17.50
C PRO F 9 -30.88 6.94 16.82
N ALA F 10 -32.05 7.45 17.20
CA ALA F 10 -32.55 8.70 16.64
C ALA F 10 -31.48 9.74 16.88
N ARG F 11 -30.90 9.69 18.08
CA ARG F 11 -29.84 10.60 18.48
C ARG F 11 -28.54 9.85 18.18
N LYS F 12 -27.83 10.30 17.14
CA LYS F 12 -26.62 9.66 16.69
C LYS F 12 -25.34 10.05 17.40
N HIS F 13 -24.41 9.10 17.43
CA HIS F 13 -23.09 9.33 18.00
C HIS F 13 -22.28 9.57 16.74
N ILE F 14 -21.88 10.82 16.54
CA ILE F 14 -21.15 11.19 15.35
C ILE F 14 -19.66 11.37 15.62
N ALA F 15 -18.86 10.83 14.72
CA ALA F 15 -17.41 10.95 14.82
C ALA F 15 -16.99 11.98 13.78
N LEU F 16 -16.23 12.98 14.19
CA LEU F 16 -15.75 14.02 13.29
C LEU F 16 -14.24 13.96 13.21
N VAL F 17 -13.73 13.77 12.00
CA VAL F 17 -12.30 13.65 11.80
C VAL F 17 -11.87 14.36 10.53
N ALA F 18 -10.79 15.11 10.61
CA ALA F 18 -10.32 15.81 9.44
C ALA F 18 -8.80 15.93 9.44
N HIS F 19 -8.22 15.77 8.26
CA HIS F 19 -6.78 15.92 8.11
C HIS F 19 -6.51 17.42 8.08
N ASP F 20 -5.30 17.81 8.46
CA ASP F 20 -4.89 19.20 8.50
C ASP F 20 -5.34 20.12 7.37
N HIS F 21 -5.19 19.69 6.12
CA HIS F 21 -5.60 20.53 5.01
C HIS F 21 -7.09 20.52 4.75
N CYS F 22 -7.81 19.75 5.55
CA CYS F 22 -9.25 19.66 5.39
C CYS F 22 -9.98 20.25 6.59
N LYS F 23 -9.23 20.60 7.63
CA LYS F 23 -9.81 21.15 8.83
C LYS F 23 -10.72 22.37 8.63
N GLN F 24 -10.26 23.35 7.84
CA GLN F 24 -11.07 24.53 7.59
C GLN F 24 -12.39 24.11 6.94
N MET F 25 -12.34 23.10 6.07
CA MET F 25 -13.54 22.60 5.41
C MET F 25 -14.53 22.06 6.44
N LEU F 26 -14.04 21.15 7.28
CA LEU F 26 -14.87 20.54 8.32
C LEU F 26 -15.44 21.59 9.26
N MET F 27 -14.60 22.55 9.64
CA MET F 27 -15.00 23.63 10.54
C MET F 27 -16.20 24.37 10.00
N SER F 28 -16.09 24.85 8.76
CA SER F 28 -17.18 25.57 8.12
C SER F 28 -18.43 24.73 8.09
N TRP F 29 -18.30 23.50 7.60
CA TRP F 29 -19.41 22.58 7.52
C TRP F 29 -20.09 22.47 8.88
N VAL F 30 -19.30 22.25 9.91
CA VAL F 30 -19.82 22.14 11.27
C VAL F 30 -20.56 23.41 11.67
N GLU F 31 -19.94 24.58 11.42
CA GLU F 31 -20.58 25.84 11.78
C GLU F 31 -21.92 26.02 11.07
N ARG F 32 -21.98 25.69 9.79
CA ARG F 32 -23.22 25.82 9.04
C ARG F 32 -24.35 24.91 9.54
N HIS F 33 -24.01 23.80 10.18
CA HIS F 33 -25.04 22.88 10.65
C HIS F 33 -25.11 22.74 12.17
N GLN F 34 -24.39 23.62 12.86
CA GLN F 34 -24.32 23.59 14.31
C GLN F 34 -25.62 23.31 15.07
N PRO F 35 -26.69 24.05 14.75
CA PRO F 35 -27.97 23.83 15.44
C PRO F 35 -28.40 22.38 15.40
N LEU F 36 -28.18 21.73 14.26
CA LEU F 36 -28.56 20.33 14.11
C LEU F 36 -27.60 19.37 14.80
N LEU F 37 -26.30 19.63 14.69
CA LEU F 37 -25.30 18.77 15.32
C LEU F 37 -25.42 18.77 16.85
N GLU F 38 -25.81 19.91 17.42
CA GLU F 38 -25.95 20.02 18.88
C GLU F 38 -27.00 19.06 19.43
N GLN F 39 -27.81 18.49 18.55
CA GLN F 39 -28.84 17.55 18.98
C GLN F 39 -28.29 16.14 19.10
N HIS F 40 -27.08 15.92 18.58
CA HIS F 40 -26.47 14.59 18.63
C HIS F 40 -25.24 14.57 19.51
N VAL F 41 -24.69 13.37 19.72
CA VAL F 41 -23.50 13.20 20.54
C VAL F 41 -22.29 13.28 19.62
N LEU F 42 -21.37 14.19 19.94
CA LEU F 42 -20.18 14.40 19.13
C LEU F 42 -18.88 13.84 19.67
N TYR F 43 -18.12 13.21 18.78
CA TYR F 43 -16.82 12.64 19.09
C TYR F 43 -15.86 13.14 18.02
N ALA F 44 -14.58 13.18 18.35
CA ALA F 44 -13.58 13.63 17.39
C ALA F 44 -12.16 13.25 17.80
N THR F 45 -11.24 13.37 16.87
CA THR F 45 -9.85 13.10 17.15
C THR F 45 -9.33 14.35 17.84
N GLY F 46 -8.31 14.18 18.67
CA GLY F 46 -7.72 15.26 19.44
C GLY F 46 -7.70 16.67 18.88
N THR F 47 -6.90 16.88 17.84
CA THR F 47 -6.80 18.20 17.26
C THR F 47 -8.16 18.70 16.80
N THR F 48 -8.79 17.95 15.92
CA THR F 48 -10.11 18.30 15.39
C THR F 48 -11.13 18.65 16.47
N GLY F 49 -11.27 17.77 17.45
CA GLY F 49 -12.21 17.99 18.53
C GLY F 49 -11.99 19.27 19.31
N ASN F 50 -10.74 19.60 19.60
CA ASN F 50 -10.45 20.82 20.35
C ASN F 50 -10.75 22.06 19.52
N LEU F 51 -10.33 22.04 18.27
CA LEU F 51 -10.58 23.19 17.39
C LEU F 51 -12.07 23.49 17.31
N ILE F 52 -12.88 22.45 17.15
CA ILE F 52 -14.33 22.59 17.05
C ILE F 52 -14.97 23.14 18.33
N SER F 53 -14.58 22.57 19.47
CA SER F 53 -15.13 23.00 20.74
C SER F 53 -14.71 24.43 21.06
N ARG F 54 -13.46 24.76 20.74
CA ARG F 54 -12.94 26.10 21.00
C ARG F 54 -13.64 27.16 20.15
N ALA F 55 -14.10 26.76 18.97
CA ALA F 55 -14.74 27.72 18.08
C ALA F 55 -16.26 27.79 18.16
N THR F 56 -16.89 26.70 18.57
CA THR F 56 -18.35 26.65 18.63
C THR F 56 -18.92 26.51 20.02
N GLY F 57 -18.08 26.16 20.98
CA GLY F 57 -18.56 25.99 22.33
C GLY F 57 -19.30 24.67 22.43
N MET F 58 -19.26 23.88 21.36
CA MET F 58 -19.94 22.59 21.38
C MET F 58 -19.21 21.59 22.25
N ASN F 59 -19.98 20.69 22.83
CA ASN F 59 -19.47 19.64 23.69
C ASN F 59 -18.96 18.48 22.84
N VAL F 60 -17.63 18.41 22.62
CA VAL F 60 -17.07 17.32 21.83
C VAL F 60 -16.17 16.36 22.62
N ASN F 61 -16.47 15.07 22.55
CA ASN F 61 -15.66 14.07 23.24
C ASN F 61 -14.42 13.80 22.38
N ALA F 62 -13.34 14.50 22.68
CA ALA F 62 -12.10 14.37 21.92
C ALA F 62 -11.21 13.19 22.30
N MET F 63 -10.83 12.40 21.31
CA MET F 63 -9.96 11.25 21.51
C MET F 63 -8.53 11.73 21.31
N LEU F 64 -7.58 10.81 21.24
CA LEU F 64 -6.20 11.17 21.00
C LEU F 64 -6.12 11.68 19.58
N SER F 65 -5.01 12.32 19.23
CA SER F 65 -4.81 12.82 17.89
C SER F 65 -4.69 11.61 16.95
N GLY F 66 -5.08 11.78 15.70
CA GLY F 66 -5.01 10.69 14.74
C GLY F 66 -3.68 9.94 14.67
N PRO F 67 -2.57 10.65 14.41
CA PRO F 67 -1.25 10.02 14.32
C PRO F 67 -0.85 9.29 15.60
N MET F 68 -1.44 9.71 16.72
CA MET F 68 -1.14 9.11 18.01
C MET F 68 -2.07 7.98 18.41
N GLY F 69 -3.00 7.61 17.54
CA GLY F 69 -3.91 6.52 17.87
C GLY F 69 -5.38 6.85 17.89
N GLY F 70 -5.73 8.10 17.63
CA GLY F 70 -7.12 8.50 17.63
C GLY F 70 -7.97 7.80 16.56
N ASP F 71 -7.41 7.60 15.37
CA ASP F 71 -8.13 6.93 14.29
C ASP F 71 -8.54 5.53 14.70
N GLN F 72 -7.62 4.82 15.34
CA GLN F 72 -7.89 3.46 15.79
C GLN F 72 -8.90 3.46 16.94
N GLN F 73 -8.88 4.51 17.76
CA GLN F 73 -9.83 4.61 18.87
C GLN F 73 -11.22 4.74 18.27
N VAL F 74 -11.34 5.51 17.20
CA VAL F 74 -12.62 5.69 16.53
C VAL F 74 -13.03 4.39 15.86
N GLY F 75 -12.07 3.74 15.21
CA GLY F 75 -12.35 2.48 14.54
C GLY F 75 -12.94 1.47 15.51
N ALA F 76 -12.31 1.36 16.67
CA ALA F 76 -12.73 0.45 17.71
C ALA F 76 -14.16 0.76 18.18
N LEU F 77 -14.46 2.04 18.35
CA LEU F 77 -15.79 2.45 18.80
C LEU F 77 -16.85 2.07 17.77
N ILE F 78 -16.47 2.17 16.49
CA ILE F 78 -17.36 1.82 15.41
C ILE F 78 -17.61 0.32 15.42
N SER F 79 -16.53 -0.45 15.55
CA SER F 79 -16.66 -1.89 15.57
C SER F 79 -17.49 -2.35 16.76
N GLU F 80 -17.47 -1.55 17.82
CA GLU F 80 -18.23 -1.86 19.04
C GLU F 80 -19.64 -1.31 18.97
N GLY F 81 -20.00 -0.68 17.86
CA GLY F 81 -21.33 -0.13 17.72
C GLY F 81 -21.63 1.10 18.57
N LYS F 82 -20.60 1.89 18.86
CA LYS F 82 -20.77 3.08 19.68
C LYS F 82 -20.75 4.35 18.84
N ILE F 83 -20.36 4.21 17.58
CA ILE F 83 -20.33 5.32 16.62
C ILE F 83 -21.33 4.97 15.53
N ASP F 84 -22.25 5.89 15.25
CA ASP F 84 -23.29 5.65 14.25
C ASP F 84 -23.04 6.35 12.93
N VAL F 85 -22.24 7.41 12.95
CA VAL F 85 -21.96 8.16 11.74
C VAL F 85 -20.50 8.58 11.71
N LEU F 86 -19.92 8.58 10.52
CA LEU F 86 -18.52 8.98 10.41
C LEU F 86 -18.32 10.03 9.35
N ILE F 87 -17.86 11.20 9.78
CA ILE F 87 -17.57 12.32 8.88
C ILE F 87 -16.06 12.40 8.93
N PHE F 88 -15.40 11.96 7.87
CA PHE F 88 -13.95 11.97 7.85
C PHE F 88 -13.41 12.61 6.58
N PHE F 89 -13.08 13.89 6.66
CA PHE F 89 -12.53 14.58 5.50
C PHE F 89 -11.03 14.33 5.46
N TRP F 90 -10.62 13.24 4.82
CA TRP F 90 -9.20 12.95 4.72
C TRP F 90 -8.65 13.71 3.52
N ASP F 91 -7.33 13.85 3.46
CA ASP F 91 -6.67 14.60 2.40
C ASP F 91 -6.27 13.74 1.20
N PRO F 92 -6.98 13.89 0.06
CA PRO F 92 -6.70 13.11 -1.16
C PRO F 92 -5.62 13.71 -2.04
N LEU F 93 -4.92 14.73 -1.53
CA LEU F 93 -3.88 15.38 -2.30
C LEU F 93 -2.53 15.49 -1.61
N ASN F 94 -2.46 15.09 -0.34
CA ASN F 94 -1.20 15.15 0.38
C ASN F 94 -0.83 13.85 1.09
N ALA F 95 0.49 13.64 1.22
CA ALA F 95 1.09 12.46 1.83
C ALA F 95 0.40 11.79 3.03
N VAL F 96 0.44 12.44 4.18
CA VAL F 96 -0.14 11.94 5.44
C VAL F 96 0.58 10.65 5.88
N PRO F 97 1.09 10.65 7.12
CA PRO F 97 1.81 9.53 7.75
C PRO F 97 0.95 8.32 8.17
N ASN F 98 -0.16 8.59 8.83
CA ASN F 98 -1.05 7.55 9.30
C ASN F 98 -1.96 6.99 8.19
N ASP F 99 -1.40 6.85 6.98
CA ASP F 99 -2.17 6.33 5.86
C ASP F 99 -2.84 4.99 6.15
N PRO F 100 -2.08 4.00 6.67
CA PRO F 100 -2.75 2.72 6.95
C PRO F 100 -3.91 2.84 7.94
N ASP F 101 -3.76 3.74 8.91
CA ASP F 101 -4.78 3.98 9.92
C ASP F 101 -6.02 4.56 9.23
N VAL F 102 -5.77 5.38 8.22
CA VAL F 102 -6.85 5.99 7.47
C VAL F 102 -7.64 4.92 6.73
N LYS F 103 -6.93 4.07 5.99
CA LYS F 103 -7.55 2.98 5.24
C LYS F 103 -8.23 1.99 6.18
N ALA F 104 -7.61 1.72 7.32
CA ALA F 104 -8.18 0.78 8.26
C ALA F 104 -9.48 1.33 8.84
N LEU F 105 -9.52 2.64 9.06
CA LEU F 105 -10.70 3.28 9.62
C LEU F 105 -11.85 3.22 8.63
N LEU F 106 -11.58 3.57 7.38
CA LEU F 106 -12.61 3.53 6.35
C LEU F 106 -13.03 2.09 6.08
N ARG F 107 -12.10 1.15 6.22
CA ARG F 107 -12.44 -0.26 6.00
C ARG F 107 -13.51 -0.70 7.00
N LEU F 108 -13.30 -0.38 8.27
CA LEU F 108 -14.25 -0.73 9.30
C LEU F 108 -15.60 -0.03 9.17
N ALA F 109 -15.59 1.22 8.74
CA ALA F 109 -16.84 1.95 8.57
C ALA F 109 -17.64 1.26 7.46
N THR F 110 -16.95 0.71 6.48
CA THR F 110 -17.61 0.02 5.39
C THR F 110 -18.17 -1.30 5.93
N VAL F 111 -17.31 -2.06 6.59
CA VAL F 111 -17.67 -3.35 7.18
C VAL F 111 -18.88 -3.24 8.10
N TRP F 112 -18.86 -2.28 9.01
CA TRP F 112 -19.96 -2.16 9.95
C TRP F 112 -21.17 -1.41 9.46
N ASN F 113 -21.18 -1.12 8.15
CA ASN F 113 -22.30 -0.47 7.49
C ASN F 113 -22.95 0.74 8.20
N ILE F 114 -22.17 1.79 8.40
CA ILE F 114 -22.71 3.01 9.00
C ILE F 114 -22.51 4.13 8.01
N PRO F 115 -23.38 5.14 8.04
CA PRO F 115 -23.27 6.28 7.12
C PRO F 115 -21.87 6.88 7.24
N VAL F 116 -21.20 7.04 6.10
CA VAL F 116 -19.84 7.59 6.06
C VAL F 116 -19.68 8.67 4.99
N ALA F 117 -19.09 9.80 5.36
CA ALA F 117 -18.85 10.88 4.41
C ALA F 117 -17.37 11.27 4.37
N THR F 118 -16.80 11.35 3.18
CA THR F 118 -15.40 11.70 3.03
C THR F 118 -15.22 13.03 2.30
N ASN F 119 -16.33 13.73 2.09
CA ASN F 119 -16.31 15.03 1.44
C ASN F 119 -17.59 15.75 1.82
N VAL F 120 -17.61 17.07 1.60
CA VAL F 120 -18.74 17.91 1.93
C VAL F 120 -20.05 17.51 1.27
N ALA F 121 -20.00 17.25 -0.03
CA ALA F 121 -21.20 16.88 -0.77
C ALA F 121 -21.93 15.72 -0.12
N THR F 122 -21.17 14.69 0.23
CA THR F 122 -21.74 13.53 0.87
C THR F 122 -22.21 13.86 2.27
N ALA F 123 -21.44 14.69 2.97
CA ALA F 123 -21.78 15.08 4.33
C ALA F 123 -23.12 15.80 4.34
N ASP F 124 -23.35 16.64 3.33
CA ASP F 124 -24.59 17.38 3.22
C ASP F 124 -25.77 16.47 2.93
N PHE F 125 -25.62 15.58 1.95
CA PHE F 125 -26.70 14.67 1.62
C PHE F 125 -27.11 13.82 2.80
N ILE F 126 -26.14 13.43 3.61
CA ILE F 126 -26.40 12.60 4.78
C ILE F 126 -27.15 13.37 5.87
N ILE F 127 -26.65 14.54 6.25
CA ILE F 127 -27.27 15.31 7.31
C ILE F 127 -28.63 15.91 6.92
N GLN F 128 -28.85 16.08 5.63
CA GLN F 128 -30.13 16.63 5.14
C GLN F 128 -31.12 15.51 4.85
N SER F 129 -30.69 14.27 5.01
CA SER F 129 -31.59 13.16 4.74
C SER F 129 -32.67 13.16 5.81
N PRO F 130 -33.91 12.83 5.42
CA PRO F 130 -35.05 12.80 6.34
C PRO F 130 -34.92 11.93 7.58
N HIS F 131 -34.20 10.80 7.48
CA HIS F 131 -34.10 9.93 8.65
C HIS F 131 -32.85 10.12 9.48
N PHE F 132 -32.14 11.21 9.27
CA PHE F 132 -30.94 11.47 10.03
C PHE F 132 -31.26 11.59 11.52
N ASN F 133 -32.48 12.00 11.82
CA ASN F 133 -32.90 12.17 13.21
C ASN F 133 -33.83 11.07 13.67
N ASP F 134 -33.89 9.98 12.92
CA ASP F 134 -34.75 8.86 13.27
C ASP F 134 -33.94 7.62 13.54
N ALA F 135 -34.60 6.62 14.13
CA ALA F 135 -33.96 5.35 14.40
C ALA F 135 -34.02 4.61 13.07
N VAL F 136 -32.91 4.01 12.65
CA VAL F 136 -32.90 3.29 11.39
C VAL F 136 -32.18 1.95 11.50
N ASP F 137 -32.81 0.91 10.96
CA ASP F 137 -32.24 -0.42 11.01
C ASP F 137 -31.20 -0.63 9.93
N ILE F 138 -30.05 -1.16 10.33
CA ILE F 138 -29.00 -1.44 9.38
C ILE F 138 -28.58 -2.89 9.55
N LEU F 139 -28.07 -3.46 8.46
CA LEU F 139 -27.60 -4.83 8.48
C LEU F 139 -26.13 -4.78 8.83
N ILE F 140 -25.70 -5.67 9.72
CA ILE F 140 -24.32 -5.72 10.12
C ILE F 140 -23.90 -7.18 10.23
N PRO F 141 -22.59 -7.44 10.12
CA PRO F 141 -22.13 -8.82 10.24
C PRO F 141 -22.49 -9.38 11.61
N ASP F 142 -22.85 -10.65 11.66
CA ASP F 142 -23.21 -11.29 12.92
C ASP F 142 -21.97 -11.93 13.52
N TYR F 143 -21.26 -11.15 14.33
CA TYR F 143 -20.02 -11.61 14.94
C TYR F 143 -20.11 -12.97 15.66
N GLN F 144 -21.16 -13.18 16.45
CA GLN F 144 -21.33 -14.45 17.15
C GLN F 144 -21.18 -15.62 16.18
N ARG F 145 -22.07 -15.68 15.19
CA ARG F 145 -22.03 -16.75 14.20
C ARG F 145 -20.70 -16.73 13.45
N TYR F 146 -20.08 -15.56 13.38
CA TYR F 146 -18.80 -15.43 12.70
C TYR F 146 -17.73 -16.16 13.50
N LEU F 147 -17.60 -15.79 14.77
CA LEU F 147 -16.60 -16.38 15.65
C LEU F 147 -16.87 -17.87 15.88
N ALA F 148 -18.13 -18.21 16.11
CA ALA F 148 -18.52 -19.60 16.34
C ALA F 148 -18.06 -20.46 15.17
N ASP F 149 -18.16 -19.89 13.98
CA ASP F 149 -17.78 -20.55 12.75
C ASP F 149 -16.26 -20.69 12.68
N ARG F 150 -15.57 -19.65 13.13
CA ARG F 150 -14.11 -19.64 13.12
C ARG F 150 -13.57 -20.73 14.05
N LEU F 151 -14.36 -21.08 15.06
CA LEU F 151 -13.97 -22.09 16.03
C LEU F 151 -14.59 -23.46 15.75
N LYS F 152 -14.32 -24.42 16.62
CA LYS F 152 -14.85 -25.78 16.47
C LYS F 152 -14.84 -26.26 15.02
P PGA G . -8.08 -13.46 14.99
O1P PGA G . -7.55 -12.04 14.47
O2P PGA G . -7.28 -13.67 16.21
O3P PGA G . -9.56 -13.20 15.19
O4P PGA G . -7.79 -14.43 13.91
C2 PGA G . -6.18 -11.90 14.20
C1 PGA G . -5.93 -10.92 13.08
O1 PGA G . -6.52 -11.12 11.99
O2 PGA G . -5.16 -9.95 13.27
P PGA H . 20.49 5.37 5.39
O1P PGA H . 19.34 4.31 4.99
O2P PGA H . 21.08 4.77 6.59
O3P PGA H . 21.35 5.38 4.15
O4P PGA H . 19.84 6.67 5.64
C2 PGA H . 18.26 4.11 5.88
C1 PGA H . 16.97 3.83 5.13
O1 PGA H . 16.58 4.68 4.29
O2 PGA H . 16.34 2.77 5.39
P PGA I . -17.22 -5.73 -12.35
O1P PGA I . -16.15 -4.70 -11.73
O2P PGA I . -18.48 -4.98 -12.24
O3P PGA I . -16.69 -5.97 -13.73
O4P PGA I . -17.19 -6.95 -11.50
C2 PGA I . -16.18 -4.42 -10.36
C1 PGA I . -14.86 -3.86 -9.88
O1 PGA I . -13.89 -4.63 -9.78
O2 PGA I . -14.78 -2.63 -9.61
P PGA J . 1.24 16.28 -14.52
O1P PGA J . 0.70 14.90 -13.86
O2P PGA J . 1.80 15.83 -15.81
O3P PGA J . 0.00 17.13 -14.59
O4P PGA J . 2.26 16.82 -13.60
C2 PGA J . 1.55 13.77 -13.89
C1 PGA J . 1.25 12.81 -12.77
O1 PGA J . 0.93 13.28 -11.65
O2 PGA J . 1.35 11.57 -13.00
P PGA K . 9.88 -17.74 -7.98
O1P PGA K . 9.89 -16.21 -7.46
O2P PGA K . 10.65 -17.64 -9.23
O3P PGA K . 10.52 -18.46 -6.84
O4P PGA K . 8.46 -18.10 -8.18
C2 PGA K . 9.16 -15.27 -8.20
C1 PGA K . 8.60 -14.18 -7.33
O1 PGA K . 7.83 -14.49 -6.39
O2 PGA K . 8.92 -13.00 -7.58
P PGA L . -6.44 15.31 14.49
O1P PGA L . -6.46 13.84 13.80
O2P PGA L . -7.84 15.70 14.49
O3P PGA L . -5.82 15.03 15.82
O4P PGA L . -5.60 16.15 13.62
C2 PGA L . -6.88 13.71 12.46
C1 PGA L . -6.30 12.48 11.80
O1 PGA L . -5.06 12.39 11.69
O2 PGA L . -7.09 11.59 11.37
#